data_4KKX
#
_entry.id   4KKX
#
_cell.length_a   183.870
_cell.length_b   61.460
_cell.length_c   67.390
_cell.angle_alpha   90.000
_cell.angle_beta   94.700
_cell.angle_gamma   90.000
#
_symmetry.space_group_name_H-M   'C 1 2 1'
#
loop_
_entity.id
_entity.type
_entity.pdbx_description
1 polymer 'Tryptophan synthase alpha chain'
2 polymer 'Tryptophan synthase beta chain'
3 non-polymer '2-{[4-(TRIFLUOROMETHOXY)BENZOYL]AMINO}ETHYL DIHYDROGEN PHOSPHATE'
4 non-polymer 'SODIUM ION'
5 non-polymer 1,2-ETHANEDIOL
6 non-polymer DI(HYDROXYETHYL)ETHER
7 non-polymer N-({3-hydroxy-2-methyl-5-[(phosphonooxy)methyl]pyridin-4-yl}methyl)-3-[(2-hydroxyphenyl)amino]-D-alanine
8 non-polymer 'TRIETHYLENE GLYCOL'
9 water water
#
loop_
_entity_poly.entity_id
_entity_poly.type
_entity_poly.pdbx_seq_one_letter_code
_entity_poly.pdbx_strand_id
1 'polypeptide(L)'
;MERYENLFAQLNDRREGAFVPFVTLGDPGIEQSLKIIDTLIDAGADALELGVPFSDPLADGPTIQNANLRAFAAGVTPAQ
CFEMLALIREKHPTIPIGLLMYANLVFNNGIDAFYARCEQVGVDSVLVADVPVEESAPFRQAALRHNIAPIFICPPNADD
DLLRQVASYGRGYTYLLSRSGVTGAENRGALPLHHLIEKLKEYHAAPALQGFGISSPEQVSAAVRAGAAGAISGSAIVKI
IEKNLASPKQMLAELRSFVSAMKAASRA
;
A
2 'polypeptide(L)'
;MTTLLNPYFGEFGGMYVPQILMPALNQLEEAFVSAQKDPEFQAQFADLLKNYAGRPTALTKCQNITAGTRTTLYLKREDL
LHGGAHKTNQVLGQALLAKRMGKSEIIAETGAGQHGVASALASALLGLKCRIYMGAKDVERQSPNVFRMRLMGAEVIPVH
SGSATLKDACNEALRDWSGSYETAHYMLGTAAGPHPYPTIVREFQRMIGEETKAQILDKEGRLPDAVIACVGGGSNAIGM
FADFINDTSVGLIGVEPGGHGIETGEHGAPLKHGRVGIYFGMKAPMMQTADGQIEESYSISAGLDFPSVGPQHAYLNSIG
RADYVSITDDEALEAFKTLCRHEGIIPALESSHALAHALKMMREQPEKEQLLVVNLSGRGDKDIFTVHDILKARGEI
;
B
#
loop_
_chem_comp.id
_chem_comp.type
_chem_comp.name
_chem_comp.formula
AQ3 non-polymer N-({3-hydroxy-2-methyl-5-[(phosphonooxy)methyl]pyridin-4-yl}methyl)-3-[(2-hydroxyphenyl)amino]-D-alanine 'C17 H22 N3 O8 P'
EDO non-polymer 1,2-ETHANEDIOL 'C2 H6 O2'
F6F non-polymer '2-{[4-(TRIFLUOROMETHOXY)BENZOYL]AMINO}ETHYL DIHYDROGEN PHOSPHATE' 'C10 H11 F3 N O6 P'
NA non-polymer 'SODIUM ION' 'Na 1'
PEG non-polymer DI(HYDROXYETHYL)ETHER 'C4 H10 O3'
PGE non-polymer 'TRIETHYLENE GLYCOL' 'C6 H14 O4'
#
# COMPACT_ATOMS: atom_id res chain seq x y z
N MET A 1 -10.59 32.61 -4.79
CA MET A 1 -11.77 33.13 -4.13
C MET A 1 -11.74 32.84 -2.64
N GLU A 2 -12.73 33.36 -1.92
CA GLU A 2 -12.88 33.04 -0.51
C GLU A 2 -14.25 32.44 -0.31
N ARG A 3 -14.59 31.41 -1.07
CA ARG A 3 -15.91 30.80 -0.92
C ARG A 3 -16.06 30.19 0.47
N TYR A 4 -15.00 29.60 1.01
CA TYR A 4 -15.09 29.08 2.37
C TYR A 4 -15.22 30.17 3.43
N GLU A 5 -14.42 31.23 3.30
CA GLU A 5 -14.49 32.32 4.28
C GLU A 5 -15.86 32.97 4.29
N ASN A 6 -16.39 33.21 3.08
CA ASN A 6 -17.72 33.78 2.93
C ASN A 6 -18.77 32.89 3.54
N LEU A 7 -18.63 31.58 3.35
CA LEU A 7 -19.58 30.62 3.93
C LEU A 7 -19.51 30.65 5.45
N PHE A 8 -18.30 30.63 6.00
CA PHE A 8 -18.19 30.56 7.45
C PHE A 8 -18.58 31.90 8.09
N ALA A 9 -18.27 33.00 7.41
CA ALA A 9 -18.76 34.31 7.85
C ALA A 9 -20.28 34.32 7.98
N GLN A 10 -20.96 33.79 6.97
CA GLN A 10 -22.42 33.74 6.93
C GLN A 10 -23.01 32.76 7.94
N LEU A 11 -22.40 31.58 8.08
CA LEU A 11 -22.88 30.62 9.05
C LEU A 11 -22.77 31.16 10.47
N ASN A 12 -21.66 31.83 10.74
CA ASN A 12 -21.45 32.46 12.04
CA ASN A 12 -21.46 32.44 12.05
C ASN A 12 -22.52 33.50 12.35
N ASP A 13 -22.87 34.29 11.33
CA ASP A 13 -23.92 35.30 11.48
C ASP A 13 -25.27 34.67 11.80
N ARG A 14 -25.49 33.47 11.28
CA ARG A 14 -26.74 32.77 11.55
C ARG A 14 -26.57 31.81 12.72
N ARG A 15 -25.41 31.88 13.34
CA ARG A 15 -25.06 31.01 14.46
C ARG A 15 -25.36 29.54 14.17
N GLU A 16 -24.97 29.05 13.01
CA GLU A 16 -25.18 27.64 12.71
C GLU A 16 -23.89 26.98 12.26
N GLY A 17 -23.86 25.64 12.31
CA GLY A 17 -22.72 24.89 11.83
C GLY A 17 -22.93 24.61 10.35
N ALA A 18 -21.90 24.12 9.68
CA ALA A 18 -22.00 23.71 8.30
C ALA A 18 -22.41 22.25 8.21
N PHE A 19 -23.21 21.91 7.21
CA PHE A 19 -23.34 20.50 6.88
C PHE A 19 -22.82 20.24 5.48
N VAL A 20 -21.91 19.27 5.35
CA VAL A 20 -21.18 19.08 4.10
C VAL A 20 -21.27 17.63 3.71
N PRO A 21 -22.09 17.33 2.70
CA PRO A 21 -22.20 15.95 2.22
C PRO A 21 -21.00 15.57 1.36
N PHE A 22 -20.61 14.30 1.41
CA PHE A 22 -19.67 13.75 0.46
C PHE A 22 -20.39 12.77 -0.45
N VAL A 23 -20.09 12.81 -1.75
CA VAL A 23 -20.44 11.73 -2.68
C VAL A 23 -19.28 11.48 -3.62
N THR A 24 -19.28 10.32 -4.26
CA THR A 24 -18.29 10.01 -5.26
C THR A 24 -18.77 10.55 -6.60
N LEU A 25 -17.91 11.30 -7.28
CA LEU A 25 -18.31 11.88 -8.57
C LEU A 25 -18.55 10.78 -9.60
N GLY A 26 -19.71 10.84 -10.26
CA GLY A 26 -19.98 9.88 -11.32
C GLY A 26 -20.65 8.61 -10.81
N ASP A 27 -21.00 8.57 -9.54
CA ASP A 27 -21.73 7.44 -8.94
C ASP A 27 -23.21 7.79 -8.86
N PRO A 28 -24.10 7.01 -9.50
CA PRO A 28 -23.92 5.76 -10.26
C PRO A 28 -23.65 5.94 -11.75
N GLY A 29 -23.77 7.18 -12.22
CA GLY A 29 -23.34 7.52 -13.57
C GLY A 29 -23.20 9.02 -13.62
N ILE A 30 -22.78 9.56 -14.74
CA ILE A 30 -22.52 11.00 -14.78
C ILE A 30 -23.79 11.83 -14.59
N GLU A 31 -24.81 11.54 -15.39
CA GLU A 31 -26.04 12.31 -15.31
C GLU A 31 -26.71 12.21 -13.95
N GLN A 32 -26.83 10.99 -13.41
CA GLN A 32 -27.48 10.83 -12.10
C GLN A 32 -26.65 11.45 -10.99
N SER A 33 -25.33 11.35 -11.11
CA SER A 33 -24.45 12.03 -10.14
C SER A 33 -24.74 13.54 -10.14
N LEU A 34 -24.72 14.16 -11.31
CA LEU A 34 -25.04 15.59 -11.39
C LEU A 34 -26.37 15.94 -10.75
N LYS A 35 -27.35 15.05 -10.88
CA LYS A 35 -28.67 15.31 -10.27
C LYS A 35 -28.64 15.14 -8.77
N ILE A 36 -27.88 14.15 -8.30
CA ILE A 36 -27.71 13.90 -6.88
C ILE A 36 -27.12 15.14 -6.26
N ILE A 37 -26.09 15.69 -6.90
CA ILE A 37 -25.41 16.86 -6.34
C ILE A 37 -26.33 18.08 -6.24
N ASP A 38 -27.09 18.36 -7.31
CA ASP A 38 -28.14 19.40 -7.29
C ASP A 38 -29.15 19.19 -6.15
N THR A 39 -29.53 17.94 -5.93
CA THR A 39 -30.44 17.62 -4.83
C THR A 39 -29.79 17.87 -3.46
N LEU A 40 -28.51 17.51 -3.32
CA LEU A 40 -27.80 17.80 -2.06
C LEU A 40 -27.80 19.30 -1.78
N ILE A 41 -27.56 20.09 -2.82
CA ILE A 41 -27.52 21.54 -2.68
C ILE A 41 -28.91 22.12 -2.38
N ASP A 42 -29.90 21.70 -3.15
CA ASP A 42 -31.28 22.16 -2.90
C ASP A 42 -31.77 21.85 -1.48
N ALA A 43 -31.34 20.71 -0.95
CA ALA A 43 -31.75 20.26 0.39
C ALA A 43 -31.04 20.98 1.53
N GLY A 44 -30.04 21.78 1.22
CA GLY A 44 -29.40 22.61 2.24
C GLY A 44 -27.91 22.41 2.46
N ALA A 45 -27.23 21.71 1.56
CA ALA A 45 -25.78 21.51 1.71
C ALA A 45 -25.04 22.83 1.71
N ASP A 46 -24.17 23.02 2.70
CA ASP A 46 -23.43 24.29 2.80
C ASP A 46 -22.21 24.31 1.91
N ALA A 47 -21.64 23.11 1.72
CA ALA A 47 -20.51 22.92 0.83
C ALA A 47 -20.55 21.47 0.37
N LEU A 48 -19.68 21.11 -0.56
CA LEU A 48 -19.62 19.74 -1.06
C LEU A 48 -18.23 19.17 -0.86
N GLU A 49 -18.15 17.89 -0.53
CA GLU A 49 -16.88 17.20 -0.66
C GLU A 49 -17.12 16.11 -1.70
N LEU A 50 -16.29 16.07 -2.73
CA LEU A 50 -16.56 15.19 -3.86
C LEU A 50 -15.36 14.28 -4.14
N GLY A 51 -15.60 12.98 -4.25
CA GLY A 51 -14.51 12.06 -4.49
C GLY A 51 -14.34 11.75 -5.98
N VAL A 52 -13.08 11.67 -6.42
CA VAL A 52 -12.76 11.23 -7.76
C VAL A 52 -12.45 9.74 -7.67
N PRO A 53 -13.19 8.91 -8.43
CA PRO A 53 -12.96 7.45 -8.35
C PRO A 53 -11.50 7.09 -8.58
N PHE A 54 -10.97 6.31 -7.66
CA PHE A 54 -9.60 5.82 -7.70
C PHE A 54 -9.64 4.31 -7.60
N SER A 55 -8.67 3.65 -8.22
CA SER A 55 -8.66 2.19 -8.32
C SER A 55 -8.51 1.49 -6.98
N ASP A 56 -7.74 2.09 -6.08
CA ASP A 56 -7.37 1.42 -4.85
C ASP A 56 -7.52 2.35 -3.66
N PRO A 57 -8.77 2.59 -3.23
CA PRO A 57 -9.06 3.61 -2.21
C PRO A 57 -8.80 3.07 -0.82
N LEU A 58 -7.59 3.25 -0.32
CA LEU A 58 -7.27 2.56 0.93
CA LEU A 58 -7.11 2.67 0.93
C LEU A 58 -7.65 3.28 2.22
N ALA A 59 -8.35 4.40 2.11
CA ALA A 59 -8.89 5.07 3.31
C ALA A 59 -10.39 4.84 3.42
N ASP A 60 -10.92 4.03 2.51
CA ASP A 60 -12.36 3.90 2.36
C ASP A 60 -12.83 2.50 2.67
N GLY A 61 -13.92 2.42 3.41
CA GLY A 61 -14.59 1.15 3.66
C GLY A 61 -15.44 0.74 2.47
N PRO A 62 -16.12 -0.40 2.61
CA PRO A 62 -16.91 -1.01 1.54
C PRO A 62 -17.92 -0.08 0.88
N THR A 63 -18.63 0.74 1.63
CA THR A 63 -19.62 1.62 1.01
C THR A 63 -19.01 2.48 -0.10
N ILE A 64 -17.93 3.18 0.23
CA ILE A 64 -17.35 4.08 -0.75
C ILE A 64 -16.51 3.31 -1.78
N GLN A 65 -15.97 2.15 -1.41
CA GLN A 65 -15.33 1.30 -2.41
C GLN A 65 -16.35 0.94 -3.48
N ASN A 66 -17.55 0.56 -3.05
CA ASN A 66 -18.57 0.19 -4.03
C ASN A 66 -19.05 1.37 -4.88
N ALA A 67 -19.03 2.57 -4.31
CA ALA A 67 -19.32 3.79 -5.08
C ALA A 67 -18.29 3.98 -6.17
N ASN A 68 -17.02 3.84 -5.79
CA ASN A 68 -15.97 3.90 -6.79
C ASN A 68 -16.18 2.86 -7.87
N LEU A 69 -16.55 1.63 -7.49
CA LEU A 69 -16.77 0.58 -8.49
C LEU A 69 -17.95 0.91 -9.42
N ARG A 70 -18.97 1.56 -8.88
CA ARG A 70 -20.13 1.91 -9.73
C ARG A 70 -19.73 2.98 -10.74
N ALA A 71 -18.97 3.95 -10.27
CA ALA A 71 -18.52 5.02 -11.15
C ALA A 71 -17.61 4.46 -12.23
N PHE A 72 -16.75 3.51 -11.89
CA PHE A 72 -15.87 2.94 -12.92
C PHE A 72 -16.66 2.11 -13.93
N ALA A 73 -17.67 1.39 -13.44
CA ALA A 73 -18.54 0.60 -14.31
C ALA A 73 -19.26 1.50 -15.33
N ALA A 74 -19.46 2.76 -14.95
CA ALA A 74 -20.05 3.75 -15.85
C ALA A 74 -18.99 4.47 -16.68
N GLY A 75 -17.74 4.06 -16.57
CA GLY A 75 -16.68 4.61 -17.41
C GLY A 75 -16.09 5.93 -16.93
N VAL A 76 -16.39 6.32 -15.69
CA VAL A 76 -15.97 7.61 -15.14
C VAL A 76 -14.45 7.68 -15.00
N THR A 77 -13.86 8.78 -15.47
CA THR A 77 -12.42 9.05 -15.39
C THR A 77 -12.23 10.40 -14.71
N PRO A 78 -11.00 10.70 -14.24
CA PRO A 78 -10.77 12.06 -13.71
C PRO A 78 -11.10 13.16 -14.72
N ALA A 79 -10.85 12.92 -15.99
CA ALA A 79 -11.15 13.93 -17.01
C ALA A 79 -12.65 14.24 -16.99
N GLN A 80 -13.46 13.19 -16.87
CA GLN A 80 -14.91 13.38 -16.84
C GLN A 80 -15.35 14.04 -15.54
N CYS A 81 -14.61 13.78 -14.47
CA CYS A 81 -14.94 14.44 -13.21
C CYS A 81 -14.74 15.95 -13.33
N PHE A 82 -13.66 16.36 -13.99
CA PHE A 82 -13.44 17.78 -14.18
C PHE A 82 -14.49 18.41 -15.11
N GLU A 83 -15.02 17.62 -16.04
CA GLU A 83 -16.13 18.08 -16.88
C GLU A 83 -17.38 18.33 -16.03
N MET A 84 -17.71 17.39 -15.14
CA MET A 84 -18.82 17.60 -14.19
C MET A 84 -18.57 18.79 -13.29
N LEU A 85 -17.35 18.93 -12.77
CA LEU A 85 -17.08 20.02 -11.86
C LEU A 85 -17.38 21.38 -12.53
N ALA A 86 -17.13 21.48 -13.84
CA ALA A 86 -17.39 22.73 -14.55
C ALA A 86 -18.89 23.02 -14.59
N LEU A 87 -19.68 21.98 -14.85
CA LEU A 87 -21.14 22.12 -14.89
C LEU A 87 -21.70 22.45 -13.52
N ILE A 88 -21.16 21.80 -12.49
CA ILE A 88 -21.57 22.15 -11.13
C ILE A 88 -21.31 23.61 -10.81
N ARG A 89 -20.06 24.06 -10.95
CA ARG A 89 -19.73 25.45 -10.68
C ARG A 89 -20.60 26.41 -11.52
N GLU A 90 -20.88 26.04 -12.76
CA GLU A 90 -21.68 26.90 -13.64
C GLU A 90 -23.09 27.12 -13.10
N LYS A 91 -23.63 26.11 -12.43
CA LYS A 91 -24.99 26.24 -11.86
C LYS A 91 -25.00 26.87 -10.47
N HIS A 92 -23.92 26.70 -9.72
CA HIS A 92 -23.87 27.04 -8.30
C HIS A 92 -22.60 27.85 -8.05
N PRO A 93 -22.64 29.18 -8.25
CA PRO A 93 -21.41 29.99 -8.24
C PRO A 93 -20.81 30.18 -6.87
N THR A 94 -21.60 30.10 -5.81
CA THR A 94 -21.07 30.43 -4.49
C THR A 94 -20.70 29.26 -3.59
N ILE A 95 -21.24 28.07 -3.85
CA ILE A 95 -21.03 26.96 -2.91
C ILE A 95 -19.59 26.49 -2.92
N PRO A 96 -18.99 26.31 -1.72
CA PRO A 96 -17.61 25.81 -1.70
C PRO A 96 -17.58 24.36 -2.17
N ILE A 97 -16.60 24.04 -3.01
CA ILE A 97 -16.46 22.69 -3.54
C ILE A 97 -15.07 22.19 -3.21
N GLY A 98 -15.02 21.09 -2.45
CA GLY A 98 -13.76 20.47 -2.12
C GLY A 98 -13.67 19.12 -2.78
N LEU A 99 -12.48 18.79 -3.26
CA LEU A 99 -12.21 17.46 -3.78
C LEU A 99 -11.52 16.61 -2.73
N LEU A 100 -11.86 15.33 -2.71
CA LEU A 100 -11.17 14.36 -1.90
CA LEU A 100 -11.16 14.35 -1.90
C LEU A 100 -10.44 13.43 -2.86
N MET A 101 -9.12 13.57 -2.89
CA MET A 101 -8.26 12.88 -3.87
C MET A 101 -7.33 11.84 -3.22
N TYR A 102 -7.03 10.76 -3.94
CA TYR A 102 -5.86 9.97 -3.59
C TYR A 102 -4.64 10.54 -4.30
N ALA A 103 -3.49 10.44 -3.64
CA ALA A 103 -2.27 11.13 -4.09
C ALA A 103 -1.86 10.83 -5.52
N ASN A 104 -2.01 9.58 -5.95
CA ASN A 104 -1.53 9.28 -7.27
C ASN A 104 -2.23 10.07 -8.35
N LEU A 105 -3.52 10.37 -8.13
CA LEU A 105 -4.30 11.09 -9.14
C LEU A 105 -3.87 12.56 -9.22
N VAL A 106 -3.29 13.06 -8.13
CA VAL A 106 -2.82 14.46 -8.09
C VAL A 106 -1.41 14.53 -8.65
N PHE A 107 -0.58 13.54 -8.29
CA PHE A 107 0.83 13.52 -8.66
C PHE A 107 1.00 13.13 -10.12
N ASN A 108 0.01 12.40 -10.64
CA ASN A 108 0.16 11.63 -11.88
C ASN A 108 0.87 12.32 -13.03
N ASN A 109 0.29 13.40 -13.55
CA ASN A 109 0.98 14.08 -14.63
C ASN A 109 1.35 15.51 -14.25
N GLY A 110 1.74 15.69 -12.99
CA GLY A 110 2.21 16.98 -12.54
C GLY A 110 1.32 17.57 -11.47
N ILE A 111 1.89 17.70 -10.27
CA ILE A 111 1.14 18.25 -9.15
C ILE A 111 0.66 19.64 -9.43
N ASP A 112 1.53 20.46 -10.02
CA ASP A 112 1.14 21.84 -10.32
C ASP A 112 -0.02 21.86 -11.32
N ALA A 113 0.08 21.01 -12.34
CA ALA A 113 -0.94 20.98 -13.39
C ALA A 113 -2.30 20.55 -12.83
N PHE A 114 -2.29 19.68 -11.82
CA PHE A 114 -3.54 19.26 -11.19
C PHE A 114 -4.19 20.42 -10.47
N TYR A 115 -3.41 21.18 -9.70
CA TYR A 115 -4.02 22.29 -8.98
C TYR A 115 -4.42 23.42 -9.89
N ALA A 116 -3.69 23.59 -11.01
CA ALA A 116 -4.04 24.61 -11.98
C ALA A 116 -5.40 24.26 -12.55
N ARG A 117 -5.60 22.97 -12.75
N ARG A 117 -5.58 22.96 -12.75
CA ARG A 117 -6.83 22.44 -13.32
CA ARG A 117 -6.79 22.40 -13.30
C ARG A 117 -8.00 22.66 -12.38
C ARG A 117 -7.98 22.63 -12.38
N CYS A 118 -7.76 22.48 -11.08
CA CYS A 118 -8.76 22.74 -10.08
C CYS A 118 -9.14 24.22 -10.09
N GLU A 119 -8.14 25.09 -10.18
CA GLU A 119 -8.42 26.52 -10.11
C GLU A 119 -9.26 26.91 -11.32
N GLN A 120 -8.86 26.38 -12.47
CA GLN A 120 -9.55 26.66 -13.72
C GLN A 120 -11.05 26.29 -13.69
N VAL A 121 -11.40 25.14 -13.10
N VAL A 121 -11.40 25.16 -13.09
CA VAL A 121 -12.81 24.73 -13.04
CA VAL A 121 -12.80 24.74 -13.06
C VAL A 121 -13.59 25.33 -11.89
C VAL A 121 -13.59 25.41 -11.93
N GLY A 122 -12.87 25.96 -10.95
CA GLY A 122 -13.51 26.63 -9.84
C GLY A 122 -13.70 25.81 -8.56
N VAL A 123 -12.93 24.75 -8.40
CA VAL A 123 -12.82 24.01 -7.13
C VAL A 123 -12.20 24.92 -6.07
N ASP A 124 -12.56 24.75 -4.80
CA ASP A 124 -12.04 25.60 -3.73
C ASP A 124 -11.02 24.95 -2.79
N SER A 125 -11.06 23.62 -2.68
CA SER A 125 -10.13 22.95 -1.80
C SER A 125 -9.81 21.56 -2.29
N VAL A 126 -8.69 21.03 -1.81
CA VAL A 126 -8.32 19.65 -2.13
C VAL A 126 -7.79 19.03 -0.86
N LEU A 127 -8.33 17.88 -0.50
CA LEU A 127 -7.76 17.06 0.58
C LEU A 127 -7.19 15.79 -0.07
N VAL A 128 -5.89 15.57 0.13
CA VAL A 128 -5.23 14.39 -0.41
C VAL A 128 -5.09 13.39 0.74
N ALA A 129 -5.91 12.34 0.68
CA ALA A 129 -6.08 11.40 1.77
C ALA A 129 -4.77 10.79 2.26
N ASP A 130 -3.90 10.41 1.33
CA ASP A 130 -2.68 9.68 1.70
C ASP A 130 -1.40 10.53 1.66
N VAL A 131 -1.56 11.84 1.83
CA VAL A 131 -0.43 12.75 1.97
C VAL A 131 -0.45 13.39 3.37
N PRO A 132 0.30 12.79 4.30
CA PRO A 132 0.35 13.43 5.62
C PRO A 132 1.07 14.79 5.56
N VAL A 133 1.00 15.60 6.61
CA VAL A 133 1.65 16.91 6.54
C VAL A 133 3.13 16.73 6.28
N GLU A 134 3.66 15.60 6.73
CA GLU A 134 5.09 15.30 6.57
C GLU A 134 5.53 15.26 5.10
N GLU A 135 4.59 14.91 4.22
CA GLU A 135 4.86 14.79 2.77
C GLU A 135 4.19 15.87 1.93
N SER A 136 3.60 16.85 2.61
CA SER A 136 2.65 17.75 1.98
C SER A 136 3.26 18.90 1.21
N ALA A 137 4.54 19.17 1.41
CA ALA A 137 5.14 20.41 0.87
C ALA A 137 4.80 20.78 -0.59
N PRO A 138 5.04 19.89 -1.56
CA PRO A 138 4.80 20.37 -2.93
C PRO A 138 3.32 20.44 -3.21
N PHE A 139 2.53 19.66 -2.49
CA PHE A 139 1.07 19.73 -2.62
C PHE A 139 0.52 21.05 -2.09
N ARG A 140 0.81 21.39 -0.84
CA ARG A 140 0.24 22.62 -0.31
C ARG A 140 0.78 23.85 -1.00
N GLN A 141 2.05 23.79 -1.43
CA GLN A 141 2.63 24.91 -2.15
C GLN A 141 1.96 25.15 -3.50
N ALA A 142 1.73 24.06 -4.23
CA ALA A 142 1.01 24.14 -5.51
C ALA A 142 -0.42 24.62 -5.28
N ALA A 143 -1.05 24.11 -4.23
CA ALA A 143 -2.44 24.51 -3.94
C ALA A 143 -2.52 26.03 -3.76
N LEU A 144 -1.69 26.57 -2.87
CA LEU A 144 -1.73 27.99 -2.58
C LEU A 144 -1.42 28.84 -3.81
N ARG A 145 -0.49 28.38 -4.65
CA ARG A 145 -0.13 29.14 -5.84
C ARG A 145 -1.31 29.28 -6.78
N HIS A 146 -2.23 28.31 -6.72
CA HIS A 146 -3.42 28.32 -7.58
C HIS A 146 -4.70 28.63 -6.85
N ASN A 147 -4.59 29.30 -5.70
CA ASN A 147 -5.74 29.73 -4.93
C ASN A 147 -6.72 28.61 -4.53
N ILE A 148 -6.17 27.42 -4.31
CA ILE A 148 -6.90 26.27 -3.78
C ILE A 148 -6.50 26.10 -2.32
N ALA A 149 -7.46 25.81 -1.45
CA ALA A 149 -7.11 25.56 -0.05
C ALA A 149 -6.65 24.12 0.08
N PRO A 150 -5.44 23.90 0.61
CA PRO A 150 -5.08 22.52 0.97
C PRO A 150 -5.69 22.19 2.32
N ILE A 151 -6.40 21.07 2.39
CA ILE A 151 -7.10 20.67 3.60
C ILE A 151 -6.39 19.50 4.24
N PHE A 152 -6.16 19.58 5.55
CA PHE A 152 -5.47 18.53 6.29
C PHE A 152 -6.29 17.93 7.42
N ILE A 153 -6.02 16.65 7.69
CA ILE A 153 -6.64 15.90 8.78
C ILE A 153 -5.95 16.22 10.09
N CYS A 154 -6.75 16.54 11.11
CA CYS A 154 -6.29 16.59 12.48
C CYS A 154 -6.86 15.35 13.15
N PRO A 155 -6.04 14.30 13.29
CA PRO A 155 -6.55 13.02 13.81
C PRO A 155 -6.68 13.06 15.32
N PRO A 156 -7.46 12.13 15.88
CA PRO A 156 -7.64 12.11 17.34
C PRO A 156 -6.33 11.86 18.11
N ASN A 157 -5.35 11.19 17.49
CA ASN A 157 -4.05 10.94 18.11
C ASN A 157 -3.04 12.08 17.85
N ALA A 158 -3.53 13.28 17.58
CA ALA A 158 -2.66 14.40 17.19
C ALA A 158 -1.85 14.95 18.37
N ASP A 159 -0.56 15.20 18.16
CA ASP A 159 0.21 15.91 19.19
C ASP A 159 0.31 17.42 18.93
N ASP A 160 1.04 18.14 19.78
CA ASP A 160 1.13 19.60 19.61
C ASP A 160 1.85 20.01 18.33
N ASP A 161 2.84 19.24 17.91
CA ASP A 161 3.55 19.59 16.68
C ASP A 161 2.58 19.53 15.50
N LEU A 162 1.81 18.45 15.42
CA LEU A 162 0.83 18.28 14.35
C LEU A 162 -0.26 19.35 14.37
N LEU A 163 -0.73 19.71 15.57
CA LEU A 163 -1.67 20.82 15.70
C LEU A 163 -1.12 22.10 15.10
N ARG A 164 0.13 22.44 15.42
CA ARG A 164 0.73 23.65 14.90
C ARG A 164 0.90 23.59 13.38
N GLN A 165 1.30 22.43 12.88
CA GLN A 165 1.51 22.29 11.44
C GLN A 165 0.19 22.32 10.68
N VAL A 166 -0.83 21.62 11.19
CA VAL A 166 -2.13 21.67 10.53
C VAL A 166 -2.64 23.11 10.56
N ALA A 167 -2.42 23.80 11.67
CA ALA A 167 -2.94 25.16 11.77
C ALA A 167 -2.27 26.06 10.77
N SER A 168 -0.96 25.87 10.61
CA SER A 168 -0.15 26.68 9.71
C SER A 168 -0.35 26.34 8.24
N TYR A 169 -0.47 25.05 7.93
CA TYR A 169 -0.47 24.60 6.54
C TYR A 169 -1.82 24.64 5.86
N GLY A 170 -2.87 24.36 6.63
CA GLY A 170 -4.20 24.15 6.04
C GLY A 170 -4.97 25.43 5.77
N ARG A 171 -5.91 25.38 4.84
CA ARG A 171 -6.79 26.54 4.66
C ARG A 171 -8.20 26.00 4.49
N GLY A 172 -9.17 26.89 4.50
CA GLY A 172 -10.56 26.55 4.21
C GLY A 172 -11.29 25.96 5.41
N TYR A 173 -11.00 24.71 5.71
CA TYR A 173 -11.39 24.14 6.99
C TYR A 173 -10.37 23.08 7.45
N THR A 174 -10.41 22.77 8.73
CA THR A 174 -9.56 21.71 9.25
C THR A 174 -10.44 20.47 9.35
N TYR A 175 -10.00 19.36 8.76
CA TYR A 175 -10.77 18.13 8.85
C TYR A 175 -10.48 17.46 10.20
N LEU A 176 -11.41 17.58 11.14
CA LEU A 176 -11.29 16.94 12.43
C LEU A 176 -11.82 15.50 12.38
N LEU A 177 -10.89 14.56 12.33
CA LEU A 177 -11.19 13.14 12.15
C LEU A 177 -11.80 12.55 13.41
N SER A 178 -12.98 11.95 13.27
CA SER A 178 -13.72 11.54 14.46
C SER A 178 -13.13 10.28 15.10
N ARG A 179 -12.49 9.44 14.30
CA ARG A 179 -12.00 8.17 14.80
C ARG A 179 -10.94 7.56 13.89
N SER A 180 -10.29 6.52 14.40
CA SER A 180 -9.40 5.73 13.58
CA SER A 180 -9.40 5.66 13.63
C SER A 180 -10.22 4.91 12.58
N GLY A 181 -9.52 4.20 11.70
CA GLY A 181 -10.18 3.36 10.73
C GLY A 181 -10.35 4.01 9.38
N VAL A 182 -11.27 3.46 8.60
CA VAL A 182 -11.54 3.93 7.26
C VAL A 182 -12.98 4.42 7.26
N THR A 183 -13.42 5.03 6.16
CA THR A 183 -14.76 5.62 6.13
C THR A 183 -15.82 4.55 6.31
N GLY A 184 -16.92 4.92 6.95
CA GLY A 184 -18.03 3.99 7.06
C GLY A 184 -19.10 4.53 8.00
N ALA A 185 -20.36 4.29 7.65
CA ALA A 185 -21.47 4.90 8.37
C ALA A 185 -21.79 4.17 9.66
N GLU A 186 -21.51 2.87 9.72
CA GLU A 186 -21.93 2.09 10.89
C GLU A 186 -20.91 2.15 12.02
N ASN A 187 -19.66 2.37 11.66
CA ASN A 187 -18.66 2.68 12.66
C ASN A 187 -18.75 4.15 13.04
N ARG A 188 -19.50 4.43 14.10
CA ARG A 188 -19.82 5.82 14.43
C ARG A 188 -18.63 6.50 15.07
N GLY A 189 -18.31 7.70 14.58
CA GLY A 189 -17.22 8.46 15.16
C GLY A 189 -17.57 8.96 16.56
N ALA A 190 -16.56 9.15 17.40
CA ALA A 190 -16.76 9.75 18.71
C ALA A 190 -17.07 11.25 18.59
N LEU A 191 -17.36 11.87 19.72
CA LEU A 191 -17.54 13.31 19.79
C LEU A 191 -16.23 14.00 19.49
N PRO A 192 -16.29 15.26 19.00
CA PRO A 192 -15.04 16.00 18.75
C PRO A 192 -14.24 16.14 20.04
N LEU A 193 -12.95 15.83 19.98
CA LEU A 193 -12.13 16.01 21.16
C LEU A 193 -12.00 17.49 21.48
N HIS A 194 -12.45 17.87 22.68
CA HIS A 194 -12.46 19.25 23.09
C HIS A 194 -11.07 19.88 23.03
N HIS A 195 -10.07 19.12 23.44
CA HIS A 195 -8.70 19.64 23.49
C HIS A 195 -8.16 19.99 22.10
N LEU A 196 -8.55 19.23 21.08
CA LEU A 196 -8.12 19.53 19.72
C LEU A 196 -8.84 20.78 19.20
N ILE A 197 -10.14 20.85 19.43
CA ILE A 197 -10.90 22.04 19.02
C ILE A 197 -10.31 23.33 19.59
N GLU A 198 -9.98 23.30 20.88
CA GLU A 198 -9.45 24.48 21.56
C GLU A 198 -8.07 24.86 21.02
N LYS A 199 -7.22 23.85 20.83
CA LYS A 199 -5.87 24.09 20.34
C LYS A 199 -5.88 24.60 18.90
N LEU A 200 -6.72 24.01 18.06
CA LEU A 200 -6.86 24.50 16.69
C LEU A 200 -7.27 25.99 16.70
N LYS A 201 -8.16 26.37 17.61
CA LYS A 201 -8.58 27.76 17.67
C LYS A 201 -7.47 28.66 18.21
N GLU A 202 -6.76 28.19 19.24
CA GLU A 202 -5.62 28.93 19.79
C GLU A 202 -4.58 29.24 18.72
N TYR A 203 -4.38 28.30 17.80
CA TYR A 203 -3.35 28.42 16.76
C TYR A 203 -3.88 29.01 15.45
N HIS A 204 -5.07 29.61 15.50
CA HIS A 204 -5.68 30.26 14.33
C HIS A 204 -5.83 29.33 13.10
N ALA A 205 -6.07 28.05 13.36
CA ALA A 205 -6.37 27.09 12.26
C ALA A 205 -7.70 27.41 11.55
N ALA A 206 -7.86 26.90 10.34
CA ALA A 206 -9.14 27.02 9.65
C ALA A 206 -10.19 26.28 10.48
N PRO A 207 -11.47 26.69 10.38
CA PRO A 207 -12.54 26.12 11.22
C PRO A 207 -12.63 24.60 11.10
N ALA A 208 -12.98 23.91 12.18
CA ALA A 208 -12.97 22.45 12.19
C ALA A 208 -14.30 21.83 11.76
N LEU A 209 -14.25 20.95 10.76
CA LEU A 209 -15.42 20.15 10.43
C LEU A 209 -15.12 18.72 10.85
N GLN A 210 -16.09 18.09 11.52
CA GLN A 210 -15.90 16.70 11.93
C GLN A 210 -16.31 15.72 10.83
N GLY A 211 -15.52 14.67 10.63
CA GLY A 211 -15.83 13.70 9.59
C GLY A 211 -15.42 12.30 9.98
N PHE A 212 -16.03 11.34 9.31
CA PHE A 212 -15.91 9.88 9.51
C PHE A 212 -17.01 9.38 10.42
N GLY A 213 -17.87 8.52 9.87
CA GLY A 213 -18.89 7.86 10.66
C GLY A 213 -19.94 8.81 11.20
N ILE A 214 -20.13 9.96 10.55
CA ILE A 214 -21.21 10.88 10.94
C ILE A 214 -22.41 10.55 10.06
N SER A 215 -23.47 10.01 10.67
CA SER A 215 -24.53 9.37 9.91
C SER A 215 -25.93 9.76 10.34
N SER A 216 -26.03 10.63 11.34
CA SER A 216 -27.31 10.99 11.94
C SER A 216 -27.34 12.41 12.44
N PRO A 217 -28.52 13.07 12.34
CA PRO A 217 -28.67 14.48 12.74
C PRO A 217 -28.14 14.74 14.16
N GLU A 218 -28.34 13.77 15.06
CA GLU A 218 -27.87 13.92 16.45
C GLU A 218 -26.36 14.11 16.51
N GLN A 219 -25.63 13.43 15.65
CA GLN A 219 -24.19 13.57 15.63
C GLN A 219 -23.76 14.92 15.13
N VAL A 220 -24.53 15.45 14.18
CA VAL A 220 -24.24 16.77 13.65
C VAL A 220 -24.43 17.85 14.71
N SER A 221 -25.56 17.85 15.38
CA SER A 221 -25.83 18.87 16.39
C SER A 221 -24.80 18.73 17.53
N ALA A 222 -24.41 17.49 17.84
CA ALA A 222 -23.44 17.25 18.91
C ALA A 222 -22.03 17.75 18.56
N ALA A 223 -21.67 17.66 17.29
CA ALA A 223 -20.38 18.17 16.84
C ALA A 223 -20.36 19.67 17.03
N VAL A 224 -21.45 20.33 16.66
CA VAL A 224 -21.49 21.78 16.74
C VAL A 224 -21.50 22.24 18.20
N ARG A 225 -22.29 21.56 19.03
CA ARG A 225 -22.29 21.86 20.47
C ARG A 225 -20.90 21.70 21.05
N ALA A 226 -20.16 20.73 20.52
CA ALA A 226 -18.82 20.43 21.00
C ALA A 226 -17.82 21.50 20.60
N GLY A 227 -18.23 22.42 19.73
CA GLY A 227 -17.34 23.48 19.32
C GLY A 227 -16.87 23.41 17.87
N ALA A 228 -17.16 22.31 17.19
CA ALA A 228 -16.80 22.20 15.78
C ALA A 228 -17.61 23.21 14.96
N ALA A 229 -17.12 23.55 13.76
CA ALA A 229 -17.84 24.48 12.89
C ALA A 229 -18.86 23.74 12.06
N GLY A 230 -18.84 22.41 12.11
CA GLY A 230 -19.77 21.61 11.33
C GLY A 230 -19.33 20.16 11.19
N ALA A 231 -19.96 19.45 10.26
CA ALA A 231 -19.76 18.02 10.09
C ALA A 231 -19.91 17.61 8.63
N ILE A 232 -19.23 16.53 8.28
CA ILE A 232 -19.24 15.98 6.94
C ILE A 232 -19.83 14.58 7.05
N SER A 233 -20.72 14.23 6.13
CA SER A 233 -21.27 12.88 6.08
C SER A 233 -21.09 12.35 4.69
N GLY A 234 -20.54 11.14 4.58
CA GLY A 234 -20.28 10.52 3.30
C GLY A 234 -20.99 9.18 3.09
N SER A 235 -20.51 8.15 3.79
CA SER A 235 -21.03 6.80 3.63
C SER A 235 -22.54 6.71 3.83
N ALA A 236 -23.07 7.44 4.81
CA ALA A 236 -24.50 7.44 5.08
C ALA A 236 -25.28 7.90 3.85
N ILE A 237 -24.70 8.83 3.10
CA ILE A 237 -25.38 9.36 1.93
C ILE A 237 -25.23 8.39 0.78
N VAL A 238 -24.01 7.87 0.62
CA VAL A 238 -23.76 6.90 -0.44
C VAL A 238 -24.63 5.64 -0.30
N LYS A 239 -24.91 5.24 0.93
CA LYS A 239 -25.78 4.09 1.17
C LYS A 239 -27.17 4.32 0.58
N ILE A 240 -27.62 5.57 0.60
CA ILE A 240 -28.93 5.91 0.03
C ILE A 240 -28.90 5.79 -1.48
N ILE A 241 -27.75 6.12 -2.08
CA ILE A 241 -27.58 5.92 -3.51
C ILE A 241 -27.60 4.43 -3.80
N GLU A 242 -26.82 3.67 -3.05
CA GLU A 242 -26.72 2.23 -3.26
C GLU A 242 -28.08 1.54 -3.07
N LYS A 243 -28.81 1.94 -2.04
CA LYS A 243 -30.12 1.33 -1.74
C LYS A 243 -31.16 1.56 -2.85
N ASN A 244 -31.04 2.70 -3.53
CA ASN A 244 -32.09 3.10 -4.47
C ASN A 244 -31.63 3.14 -5.92
N LEU A 245 -30.65 2.29 -6.26
CA LEU A 245 -30.11 2.24 -7.61
C LEU A 245 -31.23 1.98 -8.65
N ALA A 246 -32.19 1.14 -8.28
CA ALA A 246 -33.27 0.80 -9.20
C ALA A 246 -34.29 1.92 -9.39
N SER A 247 -34.30 2.89 -8.45
CA SER A 247 -35.27 3.98 -8.52
C SER A 247 -34.66 5.36 -8.30
N PRO A 248 -34.18 5.99 -9.38
CA PRO A 248 -33.57 7.32 -9.29
C PRO A 248 -34.49 8.36 -8.65
N LYS A 249 -35.80 8.26 -8.90
CA LYS A 249 -36.73 9.17 -8.27
C LYS A 249 -36.73 8.99 -6.76
N GLN A 250 -36.75 7.76 -6.30
CA GLN A 250 -36.82 7.53 -4.86
C GLN A 250 -35.45 7.81 -4.24
N MET A 251 -34.39 7.60 -5.02
CA MET A 251 -33.05 7.95 -4.57
C MET A 251 -32.99 9.43 -4.20
N LEU A 252 -33.39 10.28 -5.14
CA LEU A 252 -33.38 11.73 -4.92
C LEU A 252 -34.22 12.19 -3.72
N ALA A 253 -35.44 11.66 -3.59
CA ALA A 253 -36.30 12.03 -2.46
C ALA A 253 -35.67 11.68 -1.13
N GLU A 254 -35.07 10.50 -1.04
CA GLU A 254 -34.44 10.06 0.20
C GLU A 254 -33.19 10.87 0.52
N LEU A 255 -32.38 11.16 -0.50
CA LEU A 255 -31.24 12.05 -0.35
C LEU A 255 -31.68 13.41 0.20
N ARG A 256 -32.74 13.95 -0.39
CA ARG A 256 -33.24 15.27 0.00
C ARG A 256 -33.69 15.30 1.45
N SER A 257 -34.45 14.27 1.82
CA SER A 257 -34.96 14.13 3.18
C SER A 257 -33.84 14.01 4.21
N PHE A 258 -32.81 13.26 3.86
CA PHE A 258 -31.70 13.02 4.78
C PHE A 258 -30.82 14.26 4.94
N VAL A 259 -30.41 14.85 3.82
CA VAL A 259 -29.61 16.07 3.85
C VAL A 259 -30.36 17.19 4.58
N SER A 260 -31.66 17.29 4.35
CA SER A 260 -32.47 18.30 5.02
C SER A 260 -32.43 18.13 6.54
N ALA A 261 -32.62 16.89 7.00
CA ALA A 261 -32.59 16.59 8.43
C ALA A 261 -31.19 16.82 8.99
N MET A 262 -30.17 16.43 8.23
CA MET A 262 -28.80 16.66 8.66
C MET A 262 -28.51 18.15 8.77
N LYS A 263 -28.86 18.92 7.75
CA LYS A 263 -28.64 20.36 7.78
C LYS A 263 -29.43 21.04 8.90
N ALA A 264 -30.67 20.60 9.14
CA ALA A 264 -31.49 21.22 10.18
C ALA A 264 -30.81 21.11 11.55
N ALA A 265 -30.14 19.97 11.77
CA ALA A 265 -29.47 19.71 13.04
C ALA A 265 -28.29 20.65 13.26
N SER A 266 -27.77 21.24 12.19
CA SER A 266 -26.67 22.20 12.32
C SER A 266 -27.15 23.57 12.75
N ARG A 267 -28.47 23.75 12.85
CA ARG A 267 -29.02 25.09 13.10
C ARG A 267 -29.27 25.35 14.58
N ALA A 268 -29.00 26.57 15.02
CA ALA A 268 -29.20 26.96 16.41
C ALA A 268 -30.69 27.10 16.74
N THR B 2 9.02 14.40 10.94
CA THR B 2 10.34 14.10 11.47
C THR B 2 10.53 12.59 11.61
N THR B 3 11.71 12.10 11.22
CA THR B 3 12.07 10.69 11.39
C THR B 3 13.49 10.57 11.90
N LEU B 4 13.85 9.37 12.38
CA LEU B 4 15.20 9.11 12.86
C LEU B 4 16.09 8.69 11.69
N LEU B 5 15.48 8.05 10.68
CA LEU B 5 16.19 7.55 9.51
C LEU B 5 15.63 8.14 8.23
N ASN B 6 16.40 8.08 7.16
CA ASN B 6 15.99 8.65 5.88
C ASN B 6 14.90 7.78 5.25
N PRO B 7 13.70 8.35 5.03
CA PRO B 7 12.62 7.57 4.43
C PRO B 7 12.73 7.42 2.92
N TYR B 8 13.73 8.03 2.31
CA TYR B 8 13.82 8.03 0.84
C TYR B 8 15.08 7.38 0.35
N PHE B 9 15.00 6.87 -0.88
CA PHE B 9 16.16 6.39 -1.61
C PHE B 9 16.16 7.18 -2.91
N GLY B 10 16.93 8.25 -2.96
CA GLY B 10 16.77 9.24 -4.02
C GLY B 10 15.34 9.78 -3.99
N GLU B 11 14.66 9.71 -5.14
CA GLU B 11 13.28 10.20 -5.26
C GLU B 11 12.28 9.25 -4.62
N PHE B 12 12.70 8.01 -4.35
CA PHE B 12 11.73 6.97 -4.06
C PHE B 12 11.57 6.69 -2.59
N GLY B 13 10.34 6.39 -2.18
CA GLY B 13 10.06 5.95 -0.82
C GLY B 13 9.06 6.87 -0.14
N GLY B 14 9.38 7.27 1.09
CA GLY B 14 8.51 8.19 1.82
C GLY B 14 7.43 7.49 2.62
N MET B 15 6.45 8.26 3.06
CA MET B 15 5.44 7.79 4.02
C MET B 15 4.09 8.34 3.64
N TYR B 16 3.59 7.85 2.51
CA TYR B 16 2.35 8.35 1.98
C TYR B 16 1.18 7.57 2.55
N VAL B 17 0.92 7.76 3.85
CA VAL B 17 -0.25 7.14 4.48
C VAL B 17 -1.15 8.22 5.06
N PRO B 18 -2.44 7.90 5.27
CA PRO B 18 -3.30 8.86 5.97
C PRO B 18 -2.67 9.29 7.27
N GLN B 19 -2.90 10.53 7.68
CA GLN B 19 -2.26 11.07 8.86
C GLN B 19 -2.44 10.17 10.11
N ILE B 20 -3.58 9.48 10.20
CA ILE B 20 -3.88 8.65 11.36
C ILE B 20 -2.76 7.61 11.63
N LEU B 21 -2.07 7.18 10.59
CA LEU B 21 -1.12 6.07 10.71
C LEU B 21 0.32 6.52 10.97
N MET B 22 0.56 7.83 10.90
CA MET B 22 1.92 8.32 11.08
C MET B 22 2.49 7.99 12.46
N PRO B 23 1.69 8.15 13.54
CA PRO B 23 2.33 7.80 14.82
C PRO B 23 2.75 6.33 14.90
N ALA B 24 1.94 5.43 14.36
CA ALA B 24 2.29 4.01 14.31
C ALA B 24 3.64 3.79 13.60
N LEU B 25 3.82 4.46 12.47
CA LEU B 25 5.06 4.32 11.70
C LEU B 25 6.23 4.88 12.46
N ASN B 26 6.02 6.02 13.10
CA ASN B 26 7.10 6.62 13.89
C ASN B 26 7.50 5.77 15.11
N GLN B 27 6.48 5.13 15.71
N GLN B 27 6.52 5.14 15.73
N GLN B 27 6.54 5.16 15.80
CA GLN B 27 6.66 4.23 16.86
CA GLN B 27 6.78 4.29 16.89
CA GLN B 27 6.96 4.31 16.93
C GLN B 27 7.49 3.04 16.44
C GLN B 27 7.48 3.00 16.46
C GLN B 27 7.54 2.99 16.46
N LEU B 28 7.15 2.52 15.28
CA LEU B 28 7.79 1.33 14.72
C LEU B 28 9.22 1.66 14.37
N GLU B 29 9.43 2.85 13.80
CA GLU B 29 10.79 3.25 13.44
C GLU B 29 11.61 3.38 14.72
N GLU B 30 11.01 3.97 15.73
CA GLU B 30 11.72 4.16 17.00
C GLU B 30 12.06 2.83 17.67
N ALA B 31 11.15 1.87 17.63
CA ALA B 31 11.40 0.57 18.23
C ALA B 31 12.49 -0.17 17.45
N PHE B 32 12.43 -0.09 16.12
CA PHE B 32 13.47 -0.69 15.29
C PHE B 32 14.85 -0.11 15.64
N VAL B 33 14.95 1.21 15.68
CA VAL B 33 16.23 1.84 15.99
C VAL B 33 16.73 1.42 17.38
N SER B 34 15.82 1.34 18.33
CA SER B 34 16.16 0.94 19.70
C SER B 34 16.60 -0.51 19.72
N ALA B 35 15.85 -1.36 19.01
CA ALA B 35 16.15 -2.79 18.97
C ALA B 35 17.50 -3.06 18.33
N GLN B 36 17.86 -2.29 17.31
CA GLN B 36 19.10 -2.57 16.58
C GLN B 36 20.34 -2.42 17.46
N LYS B 37 20.30 -1.53 18.44
N LYS B 37 20.28 -1.54 18.45
CA LYS B 37 21.45 -1.42 19.33
CA LYS B 37 21.40 -1.33 19.36
C LYS B 37 21.24 -2.11 20.68
C LYS B 37 21.23 -2.09 20.69
N ASP B 38 20.22 -2.94 20.75
CA ASP B 38 19.89 -3.69 21.97
C ASP B 38 20.41 -5.12 21.85
N PRO B 39 21.48 -5.43 22.60
CA PRO B 39 22.17 -6.74 22.60
C PRO B 39 21.21 -7.88 22.92
N GLU B 40 20.31 -7.65 23.88
CA GLU B 40 19.29 -8.64 24.20
CA GLU B 40 19.27 -8.63 24.21
C GLU B 40 18.45 -9.00 22.97
N PHE B 41 17.97 -7.98 22.27
CA PHE B 41 17.16 -8.18 21.07
C PHE B 41 17.98 -8.91 20.02
N GLN B 42 19.20 -8.44 19.78
CA GLN B 42 20.03 -9.07 18.77
C GLN B 42 20.28 -10.55 19.10
N ALA B 43 20.51 -10.88 20.36
CA ALA B 43 20.77 -12.25 20.76
C ALA B 43 19.52 -13.12 20.60
N GLN B 44 18.35 -12.56 20.92
N GLN B 44 18.37 -12.54 20.93
CA GLN B 44 17.10 -13.31 20.79
CA GLN B 44 17.08 -13.23 20.81
C GLN B 44 16.80 -13.58 19.31
C GLN B 44 16.77 -13.54 19.35
N PHE B 45 16.95 -12.55 18.48
CA PHE B 45 16.76 -12.67 17.04
C PHE B 45 17.72 -13.74 16.49
N ALA B 46 18.99 -13.65 16.88
CA ALA B 46 20.03 -14.58 16.40
C ALA B 46 19.73 -16.03 16.82
N ASP B 47 19.24 -16.20 18.03
CA ASP B 47 18.94 -17.52 18.52
C ASP B 47 17.77 -18.14 17.74
N LEU B 48 16.75 -17.34 17.46
CA LEU B 48 15.59 -17.82 16.69
C LEU B 48 16.05 -18.16 15.28
N LEU B 49 16.89 -17.31 14.69
CA LEU B 49 17.35 -17.58 13.32
C LEU B 49 18.09 -18.88 13.23
N LYS B 50 18.98 -19.12 14.19
CA LYS B 50 19.82 -20.32 14.20
C LYS B 50 19.11 -21.61 14.63
N ASN B 51 18.46 -21.55 15.79
CA ASN B 51 17.98 -22.76 16.43
C ASN B 51 16.56 -23.10 16.12
N TYR B 52 15.81 -22.12 15.60
CA TYR B 52 14.42 -22.34 15.23
C TYR B 52 14.24 -22.38 13.72
N ALA B 53 14.81 -21.41 13.01
CA ALA B 53 14.63 -21.31 11.56
C ALA B 53 15.68 -22.10 10.76
N GLY B 54 16.85 -22.33 11.36
CA GLY B 54 17.87 -23.18 10.75
C GLY B 54 18.96 -22.47 9.97
N ARG B 55 19.23 -21.20 10.30
CA ARG B 55 20.32 -20.47 9.67
C ARG B 55 21.64 -20.91 10.28
N PRO B 56 22.73 -20.88 9.50
CA PRO B 56 22.81 -20.42 8.11
C PRO B 56 22.29 -21.46 7.13
N THR B 57 21.72 -21.00 6.02
CA THR B 57 21.26 -21.91 5.00
C THR B 57 22.42 -22.27 4.09
N ALA B 58 22.33 -23.45 3.48
CA ALA B 58 23.34 -23.97 2.56
C ALA B 58 23.55 -23.08 1.33
N LEU B 59 24.73 -23.16 0.74
CA LEU B 59 25.00 -22.55 -0.54
C LEU B 59 25.41 -23.71 -1.43
N THR B 60 24.55 -24.05 -2.39
CA THR B 60 24.68 -25.30 -3.15
C THR B 60 25.26 -25.02 -4.52
N LYS B 61 26.29 -25.76 -4.91
CA LYS B 61 26.79 -25.62 -6.27
C LYS B 61 26.04 -26.57 -7.19
N CYS B 62 25.46 -26.05 -8.26
CA CYS B 62 24.81 -26.90 -9.26
C CYS B 62 25.83 -27.87 -9.88
N GLN B 63 25.47 -29.14 -9.90
CA GLN B 63 26.34 -30.21 -10.41
C GLN B 63 26.13 -30.51 -11.88
N ASN B 64 24.93 -30.26 -12.37
CA ASN B 64 24.56 -30.74 -13.69
C ASN B 64 24.08 -29.67 -14.67
N ILE B 65 23.34 -28.69 -14.19
CA ILE B 65 22.64 -27.81 -15.14
C ILE B 65 23.56 -26.85 -15.90
N THR B 66 24.78 -26.72 -15.44
CA THR B 66 25.77 -25.87 -16.10
C THR B 66 26.76 -26.65 -16.95
N ALA B 67 26.52 -27.96 -17.12
CA ALA B 67 27.47 -28.81 -17.86
C ALA B 67 27.78 -28.22 -19.24
N GLY B 68 29.05 -28.20 -19.61
CA GLY B 68 29.45 -27.81 -20.96
C GLY B 68 29.52 -26.31 -21.19
N THR B 69 29.39 -25.53 -20.11
CA THR B 69 29.46 -24.06 -20.19
C THR B 69 30.53 -23.62 -19.23
N ARG B 70 30.86 -22.32 -19.23
CA ARG B 70 31.86 -21.77 -18.30
C ARG B 70 31.21 -21.02 -17.17
N THR B 71 29.94 -21.33 -16.91
CA THR B 71 29.22 -20.76 -15.77
C THR B 71 29.33 -21.68 -14.57
N THR B 72 29.70 -21.12 -13.42
CA THR B 72 29.61 -21.84 -12.16
C THR B 72 28.42 -21.23 -11.46
N LEU B 73 27.44 -22.05 -11.09
CA LEU B 73 26.23 -21.52 -10.48
C LEU B 73 25.96 -22.08 -9.09
N TYR B 74 25.88 -21.17 -8.11
CA TYR B 74 25.47 -21.54 -6.75
C TYR B 74 24.04 -21.11 -6.47
N LEU B 75 23.35 -21.90 -5.64
CA LEU B 75 22.00 -21.55 -5.16
C LEU B 75 22.07 -21.29 -3.69
N LYS B 76 21.68 -20.07 -3.27
CA LYS B 76 21.51 -19.76 -1.86
C LYS B 76 20.21 -20.37 -1.38
N ARG B 77 20.29 -21.31 -0.45
CA ARG B 77 19.17 -22.20 -0.17
C ARG B 77 18.15 -21.69 0.84
N GLU B 78 17.48 -20.58 0.51
CA GLU B 78 16.47 -20.09 1.42
C GLU B 78 15.24 -21.02 1.43
N ASP B 79 15.21 -21.96 0.48
CA ASP B 79 14.15 -22.98 0.45
C ASP B 79 14.26 -23.96 1.63
N LEU B 80 15.42 -23.96 2.27
CA LEU B 80 15.65 -24.81 3.45
C LEU B 80 15.34 -24.12 4.77
N LEU B 81 14.98 -22.85 4.71
CA LEU B 81 14.63 -22.15 5.94
C LEU B 81 13.31 -22.69 6.46
N HIS B 82 13.16 -22.77 7.78
CA HIS B 82 11.90 -23.18 8.37
C HIS B 82 10.77 -22.34 7.77
N GLY B 83 9.72 -23.01 7.32
CA GLY B 83 8.59 -22.36 6.69
C GLY B 83 8.66 -22.53 5.17
N GLY B 84 9.87 -22.57 4.63
CA GLY B 84 10.07 -22.90 3.22
C GLY B 84 10.44 -21.73 2.32
N ALA B 85 10.67 -20.57 2.90
CA ALA B 85 11.12 -19.42 2.14
C ALA B 85 11.81 -18.40 3.01
N HIS B 86 12.53 -17.49 2.37
CA HIS B 86 13.23 -16.39 3.03
C HIS B 86 12.32 -15.54 3.88
N LYS B 87 11.02 -15.53 3.58
CA LYS B 87 10.09 -14.68 4.31
C LYS B 87 10.17 -14.86 5.81
N THR B 88 10.57 -16.05 6.23
CA THR B 88 10.69 -16.33 7.67
C THR B 88 11.71 -15.43 8.42
N ASN B 89 12.80 -15.04 7.77
CA ASN B 89 13.83 -14.22 8.43
C ASN B 89 13.31 -12.97 9.06
N GLN B 90 12.72 -12.10 8.25
CA GLN B 90 12.32 -10.80 8.75
C GLN B 90 11.03 -10.86 9.55
N VAL B 91 10.23 -11.91 9.34
CA VAL B 91 9.03 -12.07 10.16
C VAL B 91 9.43 -12.28 11.60
N LEU B 92 10.44 -13.12 11.81
CA LEU B 92 10.94 -13.34 13.19
C LEU B 92 11.33 -12.00 13.83
N GLY B 93 12.04 -11.16 13.07
CA GLY B 93 12.49 -9.88 13.61
C GLY B 93 11.34 -8.94 13.87
N GLN B 94 10.39 -8.88 12.93
CA GLN B 94 9.25 -7.99 13.12
C GLN B 94 8.38 -8.48 14.25
N ALA B 95 8.28 -9.80 14.43
CA ALA B 95 7.45 -10.34 15.52
C ALA B 95 8.03 -9.90 16.86
N LEU B 96 9.36 -9.96 17.00
CA LEU B 96 10.00 -9.47 18.22
C LEU B 96 9.77 -7.98 18.41
N LEU B 97 9.75 -7.22 17.32
CA LEU B 97 9.41 -5.78 17.42
C LEU B 97 7.99 -5.60 17.92
N ALA B 98 7.06 -6.39 17.38
CA ALA B 98 5.66 -6.30 17.79
C ALA B 98 5.54 -6.48 19.30
N LYS B 99 6.20 -7.50 19.83
CA LYS B 99 6.18 -7.78 21.27
CA LYS B 99 6.13 -7.76 21.27
C LYS B 99 6.81 -6.63 22.04
N ARG B 100 7.90 -6.10 21.49
CA ARG B 100 8.61 -4.98 22.11
C ARG B 100 7.70 -3.75 22.25
N MET B 101 6.84 -3.54 21.25
CA MET B 101 5.90 -2.42 21.29
C MET B 101 4.58 -2.80 21.98
N GLY B 102 4.52 -3.98 22.57
CA GLY B 102 3.35 -4.41 23.31
C GLY B 102 2.11 -4.67 22.45
N LYS B 103 2.31 -5.02 21.17
CA LYS B 103 1.16 -5.41 20.34
C LYS B 103 0.87 -6.88 20.58
N SER B 104 -0.41 -7.24 20.56
CA SER B 104 -0.83 -8.61 20.85
C SER B 104 -1.34 -9.30 19.61
N GLU B 105 -1.51 -8.52 18.54
CA GLU B 105 -2.05 -9.05 17.30
C GLU B 105 -1.17 -8.69 16.13
N ILE B 106 -1.28 -9.51 15.08
CA ILE B 106 -0.54 -9.35 13.84
C ILE B 106 -1.52 -9.34 12.67
N ILE B 107 -1.33 -8.40 11.75
CA ILE B 107 -2.05 -8.40 10.48
C ILE B 107 -0.97 -8.61 9.42
N ALA B 108 -1.23 -9.46 8.44
CA ALA B 108 -0.30 -9.60 7.32
C ALA B 108 -1.05 -9.88 6.02
N GLU B 109 -0.53 -9.36 4.91
CA GLU B 109 -1.02 -9.77 3.62
C GLU B 109 -0.15 -10.94 3.18
N THR B 110 -0.68 -11.75 2.28
CA THR B 110 0.15 -12.76 1.64
C THR B 110 -0.36 -13.08 0.25
N GLY B 111 0.54 -13.56 -0.58
CA GLY B 111 0.17 -13.90 -1.96
C GLY B 111 0.60 -15.32 -2.24
N ALA B 112 1.89 -15.58 -2.15
CA ALA B 112 2.37 -16.97 -2.27
C ALA B 112 1.93 -17.80 -1.05
N GLY B 113 1.55 -17.13 0.03
CA GLY B 113 1.23 -17.81 1.28
C GLY B 113 2.48 -18.08 2.10
N GLN B 114 3.65 -17.80 1.57
CA GLN B 114 4.88 -18.00 2.35
C GLN B 114 5.03 -16.94 3.42
N HIS B 115 4.72 -15.69 3.09
CA HIS B 115 4.74 -14.67 4.14
C HIS B 115 3.66 -14.95 5.20
N GLY B 116 2.50 -15.40 4.74
CA GLY B 116 1.43 -15.74 5.65
C GLY B 116 1.81 -16.90 6.55
N VAL B 117 2.42 -17.95 5.99
CA VAL B 117 2.92 -19.08 6.80
C VAL B 117 3.98 -18.62 7.79
N ALA B 118 4.92 -17.79 7.33
CA ALA B 118 5.92 -17.24 8.24
C ALA B 118 5.25 -16.43 9.39
N SER B 119 4.30 -15.57 9.06
CA SER B 119 3.62 -14.79 10.09
C SER B 119 2.85 -15.70 11.06
N ALA B 120 2.23 -16.74 10.52
CA ALA B 120 1.45 -17.64 11.37
C ALA B 120 2.38 -18.39 12.33
N LEU B 121 3.46 -18.94 11.78
CA LEU B 121 4.34 -19.74 12.63
C LEU B 121 5.02 -18.87 13.68
N ALA B 122 5.38 -17.63 13.31
CA ALA B 122 5.97 -16.71 14.28
C ALA B 122 4.95 -16.33 15.34
N SER B 123 3.68 -16.17 14.95
CA SER B 123 2.68 -15.76 15.93
C SER B 123 2.36 -16.93 16.85
N ALA B 124 2.42 -18.15 16.34
CA ALA B 124 2.18 -19.33 17.19
C ALA B 124 3.29 -19.45 18.25
N LEU B 125 4.54 -19.28 17.84
CA LEU B 125 5.67 -19.37 18.76
C LEU B 125 5.70 -18.28 19.81
N LEU B 126 5.38 -17.07 19.39
CA LEU B 126 5.63 -15.91 20.24
C LEU B 126 4.36 -15.41 20.92
N GLY B 127 3.26 -16.11 20.73
CA GLY B 127 2.04 -15.80 21.45
C GLY B 127 1.27 -14.60 20.91
N LEU B 128 1.22 -14.47 19.59
CA LEU B 128 0.47 -13.39 18.95
C LEU B 128 -0.77 -13.93 18.21
N LYS B 129 -1.81 -13.12 18.18
CA LYS B 129 -3.02 -13.47 17.42
C LYS B 129 -2.92 -12.95 15.98
N CYS B 130 -2.89 -13.87 15.04
CA CYS B 130 -2.54 -13.56 13.66
C CYS B 130 -3.74 -13.63 12.70
N ARG B 131 -3.97 -12.55 11.96
CA ARG B 131 -4.93 -12.59 10.85
C ARG B 131 -4.26 -12.23 9.55
N ILE B 132 -4.54 -13.01 8.51
N ILE B 132 -4.56 -13.01 8.51
CA ILE B 132 -3.86 -12.91 7.22
CA ILE B 132 -3.89 -12.87 7.22
C ILE B 132 -4.86 -12.59 6.11
C ILE B 132 -4.87 -12.60 6.09
N TYR B 133 -4.57 -11.59 5.29
CA TYR B 133 -5.40 -11.30 4.11
C TYR B 133 -4.75 -11.92 2.89
N MET B 134 -5.53 -12.66 2.12
CA MET B 134 -4.98 -13.34 0.94
C MET B 134 -5.98 -13.25 -0.20
N GLY B 135 -5.52 -12.79 -1.37
CA GLY B 135 -6.41 -12.70 -2.52
C GLY B 135 -7.03 -14.06 -2.81
N ALA B 136 -8.34 -14.07 -3.07
CA ALA B 136 -9.05 -15.33 -3.30
C ALA B 136 -8.46 -16.17 -4.43
N LYS B 137 -7.91 -15.53 -5.45
CA LYS B 137 -7.25 -16.26 -6.53
C LYS B 137 -6.05 -17.01 -5.99
N ASP B 138 -5.35 -16.38 -5.05
CA ASP B 138 -4.14 -16.96 -4.48
C ASP B 138 -4.47 -18.07 -3.49
N VAL B 139 -5.56 -17.88 -2.73
CA VAL B 139 -6.09 -18.94 -1.87
C VAL B 139 -6.22 -20.25 -2.65
N GLU B 140 -6.56 -20.16 -3.93
CA GLU B 140 -6.71 -21.37 -4.75
C GLU B 140 -5.41 -21.89 -5.31
N ARG B 141 -4.64 -21.01 -5.94
CA ARG B 141 -3.42 -21.46 -6.62
C ARG B 141 -2.23 -21.68 -5.68
N GLN B 142 -2.33 -21.23 -4.43
CA GLN B 142 -1.30 -21.54 -3.43
C GLN B 142 -1.95 -22.22 -2.20
N SER B 143 -2.93 -23.08 -2.46
N SER B 143 -2.93 -23.08 -2.47
CA SER B 143 -3.72 -23.68 -1.37
CA SER B 143 -3.71 -23.72 -1.41
C SER B 143 -2.93 -24.41 -0.26
C SER B 143 -2.94 -24.43 -0.28
N PRO B 144 -1.82 -25.10 -0.59
CA PRO B 144 -1.14 -25.78 0.54
C PRO B 144 -0.77 -24.85 1.69
N ASN B 145 -0.45 -23.59 1.38
CA ASN B 145 -0.09 -22.67 2.44
C ASN B 145 -1.29 -22.18 3.22
N VAL B 146 -2.46 -22.20 2.59
CA VAL B 146 -3.66 -21.83 3.34
C VAL B 146 -3.91 -22.87 4.41
N PHE B 147 -3.75 -24.14 4.05
CA PHE B 147 -3.90 -25.22 5.02
C PHE B 147 -2.87 -25.06 6.15
N ARG B 148 -1.61 -24.80 5.81
CA ARG B 148 -0.58 -24.66 6.83
C ARG B 148 -0.89 -23.50 7.79
N MET B 149 -1.24 -22.35 7.23
CA MET B 149 -1.60 -21.19 8.06
C MET B 149 -2.73 -21.47 9.03
N ARG B 150 -3.81 -22.09 8.54
CA ARG B 150 -4.94 -22.38 9.42
C ARG B 150 -4.61 -23.43 10.49
N LEU B 151 -3.81 -24.43 10.11
CA LEU B 151 -3.31 -25.43 11.06
C LEU B 151 -2.53 -24.82 12.22
N MET B 152 -1.83 -23.70 11.96
CA MET B 152 -1.10 -22.99 13.00
C MET B 152 -1.91 -21.92 13.71
N GLY B 153 -3.22 -21.89 13.47
CA GLY B 153 -4.10 -21.08 14.31
C GLY B 153 -4.31 -19.66 13.81
N ALA B 154 -3.84 -19.39 12.59
CA ALA B 154 -4.00 -18.07 12.02
C ALA B 154 -5.34 -17.98 11.33
N GLU B 155 -5.93 -16.80 11.34
CA GLU B 155 -7.15 -16.55 10.60
C GLU B 155 -6.77 -16.15 9.18
N VAL B 156 -7.26 -16.88 8.18
CA VAL B 156 -6.96 -16.54 6.78
C VAL B 156 -8.22 -15.97 6.15
N ILE B 157 -8.14 -14.71 5.70
CA ILE B 157 -9.29 -13.99 5.14
C ILE B 157 -9.15 -13.81 3.63
N PRO B 158 -10.02 -14.46 2.84
CA PRO B 158 -9.93 -14.36 1.38
C PRO B 158 -10.41 -12.99 0.93
N VAL B 159 -9.69 -12.40 -0.02
CA VAL B 159 -10.05 -11.07 -0.50
C VAL B 159 -10.52 -11.21 -1.94
N HIS B 160 -11.79 -10.93 -2.19
CA HIS B 160 -12.35 -11.07 -3.54
C HIS B 160 -12.37 -9.79 -4.38
N SER B 161 -12.01 -8.66 -3.77
CA SER B 161 -12.07 -7.39 -4.50
CA SER B 161 -12.03 -7.36 -4.45
C SER B 161 -10.91 -7.24 -5.50
N GLY B 162 -11.13 -6.36 -6.48
CA GLY B 162 -10.13 -6.10 -7.50
C GLY B 162 -9.70 -7.34 -8.25
N SER B 163 -8.39 -7.55 -8.34
CA SER B 163 -7.84 -8.73 -9.00
C SER B 163 -7.86 -9.97 -8.10
N ALA B 164 -8.29 -9.81 -6.84
CA ALA B 164 -8.29 -10.94 -5.90
C ALA B 164 -6.90 -11.57 -5.78
N THR B 165 -5.87 -10.73 -5.80
CA THR B 165 -4.49 -11.19 -5.60
C THR B 165 -3.79 -10.30 -4.60
N LEU B 166 -2.48 -10.21 -4.72
CA LEU B 166 -1.66 -9.52 -3.71
C LEU B 166 -1.99 -8.05 -3.43
N LYS B 167 -2.08 -7.20 -4.45
CA LYS B 167 -2.35 -5.79 -4.12
C LYS B 167 -3.67 -5.60 -3.40
N ASP B 168 -4.65 -6.47 -3.69
CA ASP B 168 -5.93 -6.37 -3.00
C ASP B 168 -5.84 -6.83 -1.54
N ALA B 169 -5.00 -7.84 -1.28
CA ALA B 169 -4.72 -8.21 0.11
C ALA B 169 -3.98 -7.08 0.81
N CYS B 170 -3.03 -6.46 0.11
CA CYS B 170 -2.32 -5.29 0.65
C CYS B 170 -3.30 -4.20 1.04
N ASN B 171 -4.26 -3.92 0.16
CA ASN B 171 -5.23 -2.87 0.42
C ASN B 171 -5.99 -3.19 1.68
N GLU B 172 -6.48 -4.42 1.78
CA GLU B 172 -7.26 -4.80 2.97
C GLU B 172 -6.42 -4.75 4.25
N ALA B 173 -5.18 -5.24 4.20
CA ALA B 173 -4.31 -5.18 5.37
C ALA B 173 -4.15 -3.76 5.91
N LEU B 174 -3.89 -2.82 5.00
N LEU B 174 -3.89 -2.81 5.01
CA LEU B 174 -3.70 -1.41 5.35
CA LEU B 174 -3.75 -1.39 5.41
C LEU B 174 -4.98 -0.76 5.90
C LEU B 174 -5.03 -0.82 5.98
N ARG B 175 -6.14 -1.06 5.28
CA ARG B 175 -7.42 -0.57 5.79
C ARG B 175 -7.67 -1.07 7.22
N ASP B 176 -7.40 -2.35 7.44
CA ASP B 176 -7.55 -2.96 8.76
C ASP B 176 -6.64 -2.26 9.77
N TRP B 177 -5.37 -2.12 9.42
CA TRP B 177 -4.39 -1.52 10.33
C TRP B 177 -4.73 -0.10 10.71
N SER B 178 -5.32 0.66 9.79
CA SER B 178 -5.65 2.06 10.07
CA SER B 178 -5.63 2.06 10.08
C SER B 178 -6.68 2.16 11.19
N GLY B 179 -7.40 1.08 11.44
CA GLY B 179 -8.36 1.02 12.54
C GLY B 179 -7.89 0.23 13.76
N SER B 180 -6.87 -0.61 13.62
CA SER B 180 -6.50 -1.50 14.72
C SER B 180 -5.08 -1.32 15.24
N TYR B 181 -4.40 -0.26 14.81
CA TYR B 181 -2.97 -0.10 15.10
C TYR B 181 -2.62 -0.02 16.58
N GLU B 182 -3.57 0.36 17.43
CA GLU B 182 -3.29 0.42 18.86
C GLU B 182 -2.93 -0.95 19.41
N THR B 183 -3.57 -2.00 18.90
CA THR B 183 -3.33 -3.35 19.41
C THR B 183 -2.66 -4.31 18.42
N ALA B 184 -2.72 -3.98 17.13
CA ALA B 184 -2.17 -4.84 16.10
C ALA B 184 -0.93 -4.25 15.43
N HIS B 185 0.08 -5.09 15.21
CA HIS B 185 1.21 -4.68 14.37
C HIS B 185 0.97 -5.17 12.95
N TYR B 186 1.28 -4.31 11.96
CA TYR B 186 1.14 -4.71 10.57
C TYR B 186 2.48 -5.31 10.15
N MET B 187 2.54 -6.63 10.01
N MET B 187 2.50 -6.63 9.97
CA MET B 187 3.77 -7.29 9.60
CA MET B 187 3.68 -7.37 9.57
C MET B 187 3.84 -7.34 8.09
C MET B 187 3.78 -7.34 8.05
N LEU B 188 4.24 -6.21 7.51
CA LEU B 188 4.35 -6.08 6.05
C LEU B 188 5.37 -7.08 5.55
N GLY B 189 5.07 -7.72 4.44
CA GLY B 189 5.86 -8.87 4.04
C GLY B 189 6.87 -8.68 2.94
N THR B 190 7.16 -7.44 2.56
CA THR B 190 8.19 -7.19 1.55
C THR B 190 8.90 -5.87 1.83
N ALA B 191 9.97 -5.58 1.08
CA ALA B 191 10.70 -4.32 1.26
C ALA B 191 10.06 -3.13 0.52
N ALA B 192 8.79 -2.86 0.83
CA ALA B 192 8.05 -1.81 0.16
C ALA B 192 7.06 -1.25 1.16
N GLY B 193 6.16 -0.41 0.72
CA GLY B 193 5.26 0.20 1.70
C GLY B 193 5.90 1.45 2.22
N PRO B 194 5.27 2.08 3.22
CA PRO B 194 5.78 3.33 3.80
C PRO B 194 7.01 3.07 4.66
N HIS B 195 7.89 4.06 4.77
CA HIS B 195 8.99 3.98 5.71
C HIS B 195 8.36 3.80 7.09
N PRO B 196 8.95 2.97 7.97
CA PRO B 196 10.28 2.37 7.86
C PRO B 196 10.33 0.94 7.32
N TYR B 197 9.25 0.45 6.71
CA TYR B 197 9.25 -0.94 6.24
C TYR B 197 10.38 -1.31 5.25
N PRO B 198 10.59 -0.51 4.17
CA PRO B 198 11.66 -0.93 3.26
C PRO B 198 13.02 -1.08 3.94
N THR B 199 13.31 -0.23 4.94
CA THR B 199 14.58 -0.27 5.68
C THR B 199 14.60 -1.46 6.64
N ILE B 200 13.55 -1.63 7.43
CA ILE B 200 13.49 -2.74 8.40
C ILE B 200 13.58 -4.08 7.68
N VAL B 201 12.83 -4.21 6.58
CA VAL B 201 12.81 -5.49 5.86
C VAL B 201 14.19 -5.80 5.29
N ARG B 202 14.86 -4.79 4.74
CA ARG B 202 16.23 -5.00 4.27
C ARG B 202 17.12 -5.46 5.40
N GLU B 203 17.11 -4.72 6.51
CA GLU B 203 17.99 -5.04 7.61
C GLU B 203 17.71 -6.39 8.24
N PHE B 204 16.46 -6.87 8.19
CA PHE B 204 16.14 -8.19 8.76
C PHE B 204 16.24 -9.33 7.73
N GLN B 205 16.67 -9.00 6.50
CA GLN B 205 16.95 -9.99 5.47
C GLN B 205 18.41 -10.00 5.05
N ARG B 206 19.19 -9.02 5.51
CA ARG B 206 20.55 -8.90 4.94
C ARG B 206 21.46 -10.05 5.26
N MET B 207 21.03 -10.94 6.15
CA MET B 207 21.87 -12.10 6.47
C MET B 207 22.01 -13.02 5.27
N ILE B 208 21.08 -12.91 4.31
CA ILE B 208 21.15 -13.74 3.11
C ILE B 208 22.44 -13.43 2.33
N GLY B 209 22.66 -12.15 2.04
CA GLY B 209 23.86 -11.72 1.32
C GLY B 209 25.11 -11.88 2.16
N GLU B 210 24.99 -11.61 3.46
N GLU B 210 24.97 -11.59 3.46
CA GLU B 210 26.14 -11.74 4.37
CA GLU B 210 26.04 -11.74 4.44
C GLU B 210 26.66 -13.17 4.38
C GLU B 210 26.63 -13.14 4.39
N GLU B 211 25.76 -14.14 4.52
CA GLU B 211 26.17 -15.54 4.48
C GLU B 211 26.72 -15.91 3.13
N THR B 212 25.97 -15.55 2.09
CA THR B 212 26.41 -15.81 0.71
C THR B 212 27.83 -15.34 0.45
N LYS B 213 28.18 -14.14 0.88
CA LYS B 213 29.55 -13.62 0.65
C LYS B 213 30.57 -14.49 1.38
N ALA B 214 30.25 -14.85 2.62
CA ALA B 214 31.17 -15.62 3.43
C ALA B 214 31.34 -16.99 2.82
N GLN B 215 30.23 -17.54 2.37
CA GLN B 215 30.25 -18.87 1.79
C GLN B 215 30.98 -18.90 0.46
N ILE B 216 30.72 -17.92 -0.42
CA ILE B 216 31.34 -17.98 -1.72
C ILE B 216 32.85 -17.69 -1.62
N LEU B 217 33.23 -16.84 -0.67
CA LEU B 217 34.64 -16.59 -0.37
C LEU B 217 35.36 -17.87 0.05
N ASP B 218 34.74 -18.59 0.98
CA ASP B 218 35.29 -19.86 1.46
C ASP B 218 35.43 -20.90 0.34
N LYS B 219 34.45 -20.98 -0.54
CA LYS B 219 34.47 -22.03 -1.57
CA LYS B 219 34.47 -22.03 -1.57
C LYS B 219 35.23 -21.64 -2.83
N GLU B 220 35.24 -20.34 -3.16
CA GLU B 220 35.83 -19.92 -4.43
C GLU B 220 36.98 -18.93 -4.31
N GLY B 221 37.19 -18.38 -3.12
CA GLY B 221 38.29 -17.45 -2.91
C GLY B 221 38.08 -16.07 -3.51
N ARG B 222 36.85 -15.78 -3.93
CA ARG B 222 36.53 -14.48 -4.55
C ARG B 222 35.04 -14.20 -4.48
N LEU B 223 34.64 -12.99 -4.86
CA LEU B 223 33.25 -12.58 -4.86
C LEU B 223 32.57 -13.10 -6.13
N PRO B 224 31.24 -13.16 -6.13
CA PRO B 224 30.58 -13.57 -7.37
C PRO B 224 30.67 -12.46 -8.44
N ASP B 225 30.64 -12.86 -9.71
CA ASP B 225 30.49 -11.89 -10.78
C ASP B 225 29.10 -11.24 -10.69
N ALA B 226 28.12 -12.02 -10.23
CA ALA B 226 26.78 -11.45 -10.08
C ALA B 226 25.91 -12.28 -9.17
N VAL B 227 25.00 -11.60 -8.49
CA VAL B 227 23.99 -12.26 -7.68
C VAL B 227 22.60 -11.94 -8.28
N ILE B 228 21.76 -12.95 -8.35
CA ILE B 228 20.53 -12.80 -9.14
C ILE B 228 19.37 -13.20 -8.27
N ALA B 229 18.38 -12.31 -8.13
CA ALA B 229 17.18 -12.61 -7.32
C ALA B 229 15.90 -12.15 -7.97
N CYS B 230 14.80 -12.86 -7.71
CA CYS B 230 13.53 -12.39 -8.26
C CYS B 230 13.02 -11.20 -7.44
N VAL B 231 12.08 -10.46 -8.01
CA VAL B 231 11.62 -9.22 -7.38
C VAL B 231 10.12 -9.09 -7.59
N GLY B 232 9.37 -9.25 -6.50
CA GLY B 232 7.93 -9.07 -6.51
C GLY B 232 7.63 -7.77 -5.76
N GLY B 233 8.06 -7.73 -4.51
CA GLY B 233 8.06 -6.49 -3.74
C GLY B 233 9.48 -6.04 -3.47
N GLY B 234 10.41 -7.01 -3.41
CA GLY B 234 11.82 -6.70 -3.25
C GLY B 234 12.59 -7.18 -2.01
N SER B 235 11.97 -7.97 -1.15
CA SER B 235 12.65 -8.40 0.08
C SER B 235 13.79 -9.40 -0.09
N ASN B 236 13.56 -10.49 -0.82
CA ASN B 236 14.63 -11.49 -0.98
C ASN B 236 15.79 -10.92 -1.77
N ALA B 237 15.48 -10.07 -2.76
CA ALA B 237 16.53 -9.43 -3.56
C ALA B 237 17.37 -8.45 -2.76
N ILE B 238 16.73 -7.56 -2.00
CA ILE B 238 17.52 -6.61 -1.23
C ILE B 238 18.27 -7.34 -0.11
N GLY B 239 17.71 -8.43 0.37
CA GLY B 239 18.37 -9.25 1.39
C GLY B 239 19.62 -9.88 0.82
N MET B 240 19.56 -10.31 -0.44
CA MET B 240 20.76 -10.82 -1.10
C MET B 240 21.70 -9.69 -1.50
N PHE B 241 21.14 -8.59 -2.01
CA PHE B 241 21.99 -7.52 -2.56
C PHE B 241 22.76 -6.74 -1.48
N ALA B 242 22.12 -6.51 -0.34
CA ALA B 242 22.57 -5.47 0.61
C ALA B 242 24.07 -5.51 0.93
N ASP B 243 24.61 -6.68 1.24
CA ASP B 243 25.99 -6.73 1.73
C ASP B 243 27.00 -6.60 0.59
N PHE B 244 26.48 -6.62 -0.64
CA PHE B 244 27.29 -6.54 -1.85
C PHE B 244 27.20 -5.17 -2.50
N ILE B 245 26.36 -4.28 -1.99
CA ILE B 245 26.16 -2.98 -2.65
C ILE B 245 27.49 -2.21 -2.81
N ASN B 246 28.33 -2.25 -1.78
CA ASN B 246 29.63 -1.57 -1.85
C ASN B 246 30.72 -2.35 -2.57
N ASP B 247 30.46 -3.61 -2.91
CA ASP B 247 31.40 -4.37 -3.75
C ASP B 247 31.04 -4.15 -5.22
N THR B 248 31.62 -3.09 -5.78
CA THR B 248 31.19 -2.59 -7.09
C THR B 248 31.37 -3.59 -8.22
N SER B 249 32.30 -4.53 -8.08
CA SER B 249 32.49 -5.54 -9.11
C SER B 249 31.35 -6.55 -9.21
N VAL B 250 30.49 -6.62 -8.19
CA VAL B 250 29.45 -7.63 -8.17
C VAL B 250 28.17 -7.11 -8.77
N GLY B 251 27.73 -7.76 -9.84
CA GLY B 251 26.50 -7.37 -10.49
C GLY B 251 25.36 -7.72 -9.57
N LEU B 252 24.38 -6.82 -9.52
CA LEU B 252 23.17 -7.03 -8.76
C LEU B 252 22.07 -7.09 -9.78
N ILE B 253 21.45 -8.26 -9.93
CA ILE B 253 20.46 -8.45 -10.97
C ILE B 253 19.12 -8.89 -10.39
N GLY B 254 18.09 -8.07 -10.57
CA GLY B 254 16.76 -8.41 -10.07
C GLY B 254 15.87 -8.78 -11.24
N VAL B 255 14.96 -9.72 -10.99
CA VAL B 255 14.18 -10.30 -12.07
C VAL B 255 12.71 -10.15 -11.77
N GLU B 256 12.03 -9.32 -12.57
CA GLU B 256 10.59 -9.12 -12.40
C GLU B 256 9.85 -10.12 -13.28
N PRO B 257 8.61 -10.45 -12.93
CA PRO B 257 7.88 -11.40 -13.77
C PRO B 257 7.39 -10.77 -15.06
N GLY B 258 7.64 -11.47 -16.16
CA GLY B 258 7.19 -11.01 -17.46
C GLY B 258 5.80 -11.53 -17.82
N GLY B 259 5.23 -12.40 -16.97
CA GLY B 259 3.87 -12.88 -17.19
C GLY B 259 3.71 -13.57 -18.55
N HIS B 260 2.70 -13.14 -19.29
CA HIS B 260 2.49 -13.68 -20.64
C HIS B 260 3.38 -12.98 -21.67
N GLY B 261 4.17 -12.01 -21.20
CA GLY B 261 5.11 -11.27 -22.03
C GLY B 261 4.85 -9.79 -21.83
N ILE B 262 5.91 -8.99 -21.77
CA ILE B 262 5.73 -7.55 -21.52
C ILE B 262 4.76 -6.90 -22.51
N GLU B 263 4.83 -7.36 -23.77
CA GLU B 263 4.02 -6.77 -24.83
C GLU B 263 2.51 -7.00 -24.67
N THR B 264 2.13 -8.00 -23.87
CA THR B 264 0.72 -8.31 -23.65
C THR B 264 0.14 -7.41 -22.60
N GLY B 265 1.01 -6.74 -21.84
CA GLY B 265 0.54 -5.94 -20.72
C GLY B 265 0.15 -6.78 -19.52
N GLU B 266 0.28 -8.10 -19.65
CA GLU B 266 0.00 -9.02 -18.54
CA GLU B 266 -0.01 -9.00 -18.54
C GLU B 266 1.29 -9.48 -17.89
N HIS B 267 1.81 -8.65 -17.01
CA HIS B 267 3.11 -8.91 -16.38
C HIS B 267 3.09 -8.27 -15.02
N GLY B 268 4.20 -8.39 -14.31
CA GLY B 268 4.36 -7.69 -13.05
C GLY B 268 5.71 -7.01 -13.01
N ALA B 269 6.02 -6.19 -14.02
CA ALA B 269 7.34 -5.56 -14.11
C ALA B 269 7.26 -4.01 -14.08
N PRO B 270 6.81 -3.45 -12.94
CA PRO B 270 6.72 -1.98 -12.83
C PRO B 270 8.07 -1.28 -12.85
N LEU B 271 9.12 -1.90 -12.32
CA LEU B 271 10.39 -1.19 -12.22
C LEU B 271 10.85 -0.77 -13.63
N LYS B 272 10.77 -1.68 -14.58
CA LYS B 272 11.30 -1.41 -15.91
C LYS B 272 10.19 -1.04 -16.91
N HIS B 273 8.94 -1.34 -16.57
CA HIS B 273 7.86 -1.10 -17.53
C HIS B 273 6.70 -0.26 -16.99
N GLY B 274 6.83 0.19 -15.75
CA GLY B 274 5.84 1.09 -15.20
C GLY B 274 6.42 2.49 -15.11
N ARG B 275 5.81 3.33 -14.28
CA ARG B 275 6.30 4.69 -14.08
C ARG B 275 6.03 5.14 -12.66
N VAL B 276 6.83 6.09 -12.16
CA VAL B 276 6.72 6.46 -10.75
C VAL B 276 5.33 6.99 -10.39
N GLY B 277 4.86 6.59 -9.22
CA GLY B 277 3.52 6.97 -8.78
C GLY B 277 3.48 6.87 -7.26
N ILE B 278 2.33 7.16 -6.67
CA ILE B 278 2.15 7.09 -5.21
C ILE B 278 1.01 6.14 -4.85
N TYR B 279 1.34 5.07 -4.14
CA TYR B 279 0.34 4.06 -3.77
C TYR B 279 0.95 3.14 -2.73
N PHE B 280 0.11 2.56 -1.88
CA PHE B 280 0.55 1.63 -0.84
C PHE B 280 1.62 2.26 0.05
N GLY B 281 1.47 3.57 0.30
CA GLY B 281 2.34 4.28 1.22
C GLY B 281 3.68 4.75 0.72
N MET B 282 3.96 4.61 -0.57
CA MET B 282 5.30 4.90 -1.09
C MET B 282 5.25 5.58 -2.45
N LYS B 283 6.30 6.32 -2.78
CA LYS B 283 6.52 6.80 -4.13
C LYS B 283 7.47 5.82 -4.80
N ALA B 284 6.99 5.16 -5.85
CA ALA B 284 7.71 4.05 -6.45
C ALA B 284 7.16 3.77 -7.84
N PRO B 285 7.91 3.02 -8.67
CA PRO B 285 7.37 2.65 -9.99
C PRO B 285 6.11 1.84 -9.80
N MET B 286 5.10 2.12 -10.61
N MET B 286 5.09 2.15 -10.58
CA MET B 286 3.78 1.48 -10.52
CA MET B 286 3.86 1.38 -10.54
C MET B 286 3.35 1.13 -11.92
C MET B 286 3.44 1.06 -11.95
N MET B 287 2.65 0.01 -12.08
CA MET B 287 1.94 -0.24 -13.32
C MET B 287 0.70 0.63 -13.17
N GLN B 288 0.52 1.59 -14.07
CA GLN B 288 -0.62 2.48 -13.95
C GLN B 288 -1.15 2.89 -15.31
N THR B 289 -2.45 3.23 -15.37
CA THR B 289 -3.04 3.74 -16.59
C THR B 289 -2.48 5.14 -16.91
N ALA B 290 -2.75 5.66 -18.11
CA ALA B 290 -2.30 7.01 -18.48
C ALA B 290 -2.82 8.06 -17.50
N ASP B 291 -4.02 7.85 -16.98
CA ASP B 291 -4.58 8.86 -16.08
C ASP B 291 -4.38 8.58 -14.58
N GLY B 292 -3.59 7.55 -14.28
CA GLY B 292 -3.10 7.37 -12.90
C GLY B 292 -3.88 6.39 -12.02
N GLN B 293 -4.70 5.53 -12.63
CA GLN B 293 -5.30 4.42 -11.88
C GLN B 293 -4.27 3.30 -11.81
N ILE B 294 -4.22 2.56 -10.71
CA ILE B 294 -3.28 1.43 -10.63
C ILE B 294 -3.77 0.28 -11.49
N GLU B 295 -2.90 -0.23 -12.35
CA GLU B 295 -3.21 -1.40 -13.18
CA GLU B 295 -3.26 -1.38 -13.15
C GLU B 295 -3.07 -2.67 -12.36
N GLU B 296 -3.78 -3.71 -12.78
CA GLU B 296 -3.61 -5.00 -12.15
C GLU B 296 -2.43 -5.68 -12.80
N SER B 297 -1.63 -6.37 -11.99
CA SER B 297 -0.50 -7.11 -12.50
C SER B 297 -0.96 -8.51 -12.88
N TYR B 298 -0.06 -9.26 -13.50
CA TYR B 298 -0.26 -10.70 -13.70
C TYR B 298 1.09 -11.43 -13.63
N SER B 299 1.10 -12.60 -13.00
CA SER B 299 2.21 -13.54 -13.11
C SER B 299 1.65 -14.94 -12.80
N ILE B 300 2.24 -15.97 -13.39
CA ILE B 300 1.96 -17.31 -12.95
C ILE B 300 2.22 -17.49 -11.46
N SER B 301 3.21 -16.75 -10.92
CA SER B 301 3.55 -16.90 -9.52
CA SER B 301 3.59 -16.86 -9.52
C SER B 301 2.89 -15.83 -8.67
N ALA B 302 2.16 -16.29 -7.64
CA ALA B 302 1.41 -15.39 -6.78
C ALA B 302 2.33 -14.46 -6.04
N GLY B 303 3.52 -14.94 -5.70
CA GLY B 303 4.43 -14.09 -4.94
C GLY B 303 5.02 -12.92 -5.70
N LEU B 304 4.92 -12.92 -7.04
CA LEU B 304 5.43 -11.83 -7.86
C LEU B 304 4.31 -11.02 -8.49
N ASP B 305 3.07 -11.38 -8.19
CA ASP B 305 1.92 -10.78 -8.82
C ASP B 305 1.54 -9.45 -8.13
N PHE B 306 2.41 -8.46 -8.23
CA PHE B 306 2.24 -7.19 -7.50
C PHE B 306 2.69 -6.02 -8.38
N PRO B 307 1.80 -5.04 -8.60
CA PRO B 307 2.10 -4.02 -9.63
C PRO B 307 2.97 -2.84 -9.18
N SER B 308 3.70 -2.97 -8.07
CA SER B 308 4.69 -1.98 -7.72
C SER B 308 5.95 -2.70 -7.23
N VAL B 309 6.87 -1.96 -6.63
CA VAL B 309 8.16 -2.54 -6.24
C VAL B 309 8.79 -1.62 -5.19
N GLY B 310 9.62 -2.18 -4.31
CA GLY B 310 10.22 -1.40 -3.24
C GLY B 310 11.10 -0.26 -3.75
N PRO B 311 11.13 0.85 -2.99
CA PRO B 311 11.83 2.05 -3.47
C PRO B 311 13.36 1.92 -3.57
N GLN B 312 13.96 1.06 -2.76
CA GLN B 312 15.42 0.95 -2.83
C GLN B 312 15.84 0.31 -4.14
N HIS B 313 15.03 -0.61 -4.66
CA HIS B 313 15.30 -1.18 -6.00
C HIS B 313 15.13 -0.13 -7.10
N ALA B 314 14.06 0.66 -7.01
CA ALA B 314 13.89 1.76 -7.96
C ALA B 314 15.12 2.67 -7.92
N TYR B 315 15.60 2.97 -6.72
CA TYR B 315 16.82 3.78 -6.59
C TYR B 315 18.08 3.13 -7.17
N LEU B 316 18.37 1.89 -6.76
CA LEU B 316 19.55 1.20 -7.23
C LEU B 316 19.54 1.11 -8.74
N ASN B 317 18.35 0.91 -9.32
CA ASN B 317 18.28 0.90 -10.77
C ASN B 317 18.61 2.25 -11.38
N SER B 318 18.03 3.32 -10.83
N SER B 318 18.04 3.30 -10.79
CA SER B 318 18.22 4.64 -11.41
CA SER B 318 18.21 4.66 -11.31
C SER B 318 19.70 5.07 -11.47
C SER B 318 19.68 5.08 -11.45
N ILE B 319 20.50 4.71 -10.46
CA ILE B 319 21.92 5.09 -10.46
C ILE B 319 22.76 4.04 -11.19
N GLY B 320 22.08 3.04 -11.71
CA GLY B 320 22.78 1.98 -12.42
C GLY B 320 23.55 1.00 -11.57
N ARG B 321 23.33 0.98 -10.26
CA ARG B 321 24.04 0.01 -9.43
C ARG B 321 23.46 -1.39 -9.60
N ALA B 322 22.16 -1.49 -9.78
CA ALA B 322 21.57 -2.81 -10.04
C ALA B 322 20.86 -2.78 -11.38
N ASP B 323 20.78 -3.95 -12.02
CA ASP B 323 20.09 -4.08 -13.28
C ASP B 323 18.87 -4.97 -13.10
N TYR B 324 17.79 -4.65 -13.80
CA TYR B 324 16.56 -5.39 -13.66
C TYR B 324 16.10 -5.90 -15.01
N VAL B 325 15.67 -7.16 -15.02
CA VAL B 325 15.24 -7.83 -16.23
C VAL B 325 13.90 -8.47 -15.98
N SER B 326 13.35 -9.16 -16.97
CA SER B 326 12.11 -9.86 -16.74
C SER B 326 12.18 -11.26 -17.35
N ILE B 327 11.38 -12.16 -16.78
CA ILE B 327 11.37 -13.56 -17.19
C ILE B 327 9.91 -13.96 -17.26
N THR B 328 9.49 -14.62 -18.36
CA THR B 328 8.06 -14.94 -18.55
C THR B 328 7.62 -16.19 -17.80
N ASP B 329 6.31 -16.42 -17.72
CA ASP B 329 5.74 -17.66 -17.17
C ASP B 329 6.46 -18.88 -17.74
N ASP B 330 6.54 -18.96 -19.05
CA ASP B 330 7.09 -20.17 -19.68
C ASP B 330 8.55 -20.36 -19.35
N GLU B 331 9.31 -19.28 -19.38
CA GLU B 331 10.72 -19.38 -18.99
C GLU B 331 10.86 -19.83 -17.54
N ALA B 332 10.00 -19.31 -16.66
CA ALA B 332 10.02 -19.73 -15.26
C ALA B 332 9.67 -21.22 -15.13
N LEU B 333 8.65 -21.65 -15.87
CA LEU B 333 8.27 -23.05 -15.83
C LEU B 333 9.39 -24.00 -16.28
N GLU B 334 10.14 -23.58 -17.30
N GLU B 334 10.14 -23.60 -17.30
CA GLU B 334 11.24 -24.41 -17.80
CA GLU B 334 11.20 -24.48 -17.77
C GLU B 334 12.30 -24.56 -16.71
C GLU B 334 12.35 -24.55 -16.76
N ALA B 335 12.62 -23.44 -16.07
CA ALA B 335 13.65 -23.44 -15.02
C ALA B 335 13.20 -24.29 -13.84
N PHE B 336 11.91 -24.23 -13.51
CA PHE B 336 11.33 -25.05 -12.45
C PHE B 336 11.59 -26.52 -12.77
N LYS B 337 11.17 -26.93 -13.96
CA LYS B 337 11.36 -28.32 -14.38
C LYS B 337 12.81 -28.76 -14.42
N THR B 338 13.68 -27.90 -14.94
CA THR B 338 15.09 -28.20 -15.03
C THR B 338 15.73 -28.41 -13.67
N LEU B 339 15.39 -27.58 -12.68
CA LEU B 339 15.96 -27.78 -11.35
C LEU B 339 15.46 -29.06 -10.70
N CYS B 340 14.16 -29.36 -10.85
CA CYS B 340 13.61 -30.60 -10.30
C CYS B 340 14.32 -31.83 -10.84
N ARG B 341 14.46 -31.88 -12.16
CA ARG B 341 14.96 -33.07 -12.84
C ARG B 341 16.45 -33.23 -12.87
N HIS B 342 17.17 -32.11 -12.70
CA HIS B 342 18.62 -32.19 -12.82
C HIS B 342 19.44 -31.81 -11.58
N GLU B 343 18.81 -31.21 -10.57
CA GLU B 343 19.51 -30.96 -9.32
C GLU B 343 18.74 -31.57 -8.15
N GLY B 344 17.53 -32.04 -8.43
CA GLY B 344 16.71 -32.67 -7.38
C GLY B 344 16.23 -31.67 -6.35
N ILE B 345 15.98 -30.43 -6.79
CA ILE B 345 15.43 -29.39 -5.89
C ILE B 345 14.19 -28.83 -6.51
N ILE B 346 13.11 -28.76 -5.74
CA ILE B 346 11.87 -28.20 -6.25
C ILE B 346 11.77 -26.77 -5.77
N PRO B 347 12.00 -25.81 -6.69
CA PRO B 347 12.05 -24.40 -6.31
C PRO B 347 10.66 -23.74 -6.37
N ALA B 348 10.44 -22.69 -5.58
CA ALA B 348 9.23 -21.88 -5.74
C ALA B 348 9.18 -21.33 -7.18
N LEU B 349 7.98 -21.16 -7.73
CA LEU B 349 7.86 -20.52 -9.04
C LEU B 349 8.41 -19.07 -9.04
N GLU B 350 8.32 -18.38 -7.90
CA GLU B 350 8.95 -17.05 -7.80
C GLU B 350 10.44 -17.18 -8.04
N SER B 351 11.11 -18.02 -7.24
CA SER B 351 12.56 -18.25 -7.33
C SER B 351 12.96 -18.76 -8.72
N SER B 352 12.07 -19.51 -9.33
CA SER B 352 12.33 -20.03 -10.66
C SER B 352 12.55 -18.93 -11.69
N HIS B 353 12.01 -17.74 -11.42
CA HIS B 353 12.20 -16.63 -12.35
C HIS B 353 13.67 -16.23 -12.28
N ALA B 354 14.25 -16.23 -11.08
CA ALA B 354 15.67 -15.86 -10.97
C ALA B 354 16.53 -16.90 -11.62
N LEU B 355 16.27 -18.16 -11.29
CA LEU B 355 17.02 -19.27 -11.91
C LEU B 355 16.96 -19.21 -13.43
N ALA B 356 15.77 -18.94 -13.96
CA ALA B 356 15.59 -18.84 -15.41
C ALA B 356 16.50 -17.78 -16.00
N HIS B 357 16.62 -16.64 -15.33
CA HIS B 357 17.49 -15.62 -15.88
C HIS B 357 18.95 -16.05 -15.81
N ALA B 358 19.34 -16.70 -14.71
CA ALA B 358 20.71 -17.22 -14.65
C ALA B 358 20.98 -18.22 -15.79
N LEU B 359 20.00 -19.07 -16.09
CA LEU B 359 20.19 -20.06 -17.15
C LEU B 359 20.30 -19.38 -18.50
N LYS B 360 19.67 -18.21 -18.66
CA LYS B 360 19.76 -17.43 -19.90
CA LYS B 360 19.79 -17.46 -19.91
C LYS B 360 21.17 -16.84 -20.05
N MET B 361 21.69 -16.31 -18.94
CA MET B 361 23.02 -15.71 -18.94
C MET B 361 24.02 -16.74 -19.40
N MET B 362 23.86 -17.96 -18.91
CA MET B 362 24.77 -19.06 -19.25
C MET B 362 24.59 -19.52 -20.71
N ARG B 363 23.36 -19.77 -21.10
CA ARG B 363 23.08 -20.30 -22.44
C ARG B 363 23.37 -19.31 -23.55
N GLU B 364 23.12 -18.03 -23.28
CA GLU B 364 23.31 -17.00 -24.31
C GLU B 364 24.79 -16.83 -24.65
N GLN B 365 25.63 -17.01 -23.63
CA GLN B 365 27.07 -16.85 -23.77
C GLN B 365 27.83 -17.96 -23.07
N PRO B 366 27.81 -19.17 -23.65
CA PRO B 366 28.25 -20.35 -22.89
C PRO B 366 29.74 -20.45 -22.68
N GLU B 367 30.56 -19.66 -23.38
CA GLU B 367 31.99 -19.64 -23.13
C GLU B 367 32.46 -18.45 -22.29
N LYS B 368 31.50 -17.68 -21.78
CA LYS B 368 31.81 -16.57 -20.89
C LYS B 368 32.01 -17.13 -19.48
N GLU B 369 33.18 -16.86 -18.93
CA GLU B 369 33.49 -17.26 -17.55
C GLU B 369 32.60 -16.49 -16.62
N GLN B 370 31.71 -17.17 -15.90
CA GLN B 370 30.96 -16.41 -14.92
C GLN B 370 30.63 -17.23 -13.67
N LEU B 371 30.78 -16.58 -12.51
CA LEU B 371 30.46 -17.17 -11.22
C LEU B 371 29.21 -16.49 -10.70
N LEU B 372 28.10 -17.23 -10.67
CA LEU B 372 26.80 -16.64 -10.38
C LEU B 372 26.20 -17.24 -9.12
N VAL B 373 25.51 -16.43 -8.33
CA VAL B 373 24.68 -16.96 -7.26
C VAL B 373 23.24 -16.57 -7.51
N VAL B 374 22.35 -17.55 -7.50
CA VAL B 374 20.92 -17.29 -7.54
C VAL B 374 20.35 -17.44 -6.14
N ASN B 375 19.55 -16.48 -5.70
CA ASN B 375 18.89 -16.63 -4.43
C ASN B 375 17.70 -17.55 -4.62
N LEU B 376 17.81 -18.77 -4.08
CA LEU B 376 16.73 -19.73 -4.20
C LEU B 376 15.78 -19.45 -3.06
N SER B 377 14.87 -18.50 -3.27
CA SER B 377 14.15 -17.87 -2.19
C SER B 377 13.11 -18.79 -1.51
N GLY B 378 12.67 -19.83 -2.20
CA GLY B 378 11.71 -20.73 -1.58
C GLY B 378 11.63 -22.10 -2.21
N ARG B 379 10.97 -23.04 -1.52
CA ARG B 379 10.72 -24.37 -2.09
C ARG B 379 9.35 -24.37 -2.76
N GLY B 380 9.13 -25.32 -3.69
CA GLY B 380 8.00 -25.25 -4.61
C GLY B 380 6.81 -26.10 -4.21
N ASP B 381 6.80 -26.57 -2.98
CA ASP B 381 5.68 -27.40 -2.48
C ASP B 381 4.33 -26.76 -2.72
N LYS B 382 4.23 -25.46 -2.47
CA LYS B 382 2.99 -24.72 -2.62
C LYS B 382 2.55 -24.70 -4.10
N ASP B 383 3.51 -24.95 -5.00
CA ASP B 383 3.30 -24.81 -6.43
C ASP B 383 3.09 -26.11 -7.19
N ILE B 384 3.28 -27.25 -6.54
CA ILE B 384 3.34 -28.51 -7.32
C ILE B 384 2.04 -28.84 -8.04
N PHE B 385 0.90 -28.47 -7.45
CA PHE B 385 -0.39 -28.81 -8.04
C PHE B 385 -0.72 -27.84 -9.18
N THR B 386 -0.46 -26.56 -8.96
CA THR B 386 -0.56 -25.58 -10.03
C THR B 386 0.31 -26.00 -11.22
N VAL B 387 1.57 -26.32 -10.97
CA VAL B 387 2.46 -26.70 -12.08
C VAL B 387 2.01 -27.99 -12.76
N HIS B 388 1.52 -28.95 -11.99
CA HIS B 388 1.05 -30.21 -12.57
C HIS B 388 -0.10 -29.97 -13.54
N ASP B 389 -1.07 -29.18 -13.12
CA ASP B 389 -2.24 -28.91 -13.95
C ASP B 389 -1.85 -28.24 -15.26
N ILE B 390 -0.93 -27.28 -15.18
CA ILE B 390 -0.41 -26.59 -16.36
C ILE B 390 0.31 -27.56 -17.30
N LEU B 391 1.24 -28.33 -16.73
CA LEU B 391 2.04 -29.25 -17.54
C LEU B 391 1.16 -30.31 -18.16
N LYS B 392 0.11 -30.72 -17.45
CA LYS B 392 -0.80 -31.72 -17.97
C LYS B 392 -1.64 -31.12 -19.08
N ALA B 393 -2.18 -29.93 -18.84
CA ALA B 393 -3.00 -29.21 -19.82
C ALA B 393 -2.24 -28.96 -21.12
N ARG B 394 -0.91 -29.09 -21.06
CA ARG B 394 -0.04 -28.99 -22.24
C ARG B 394 0.03 -30.29 -23.02
N GLY B 395 0.09 -31.41 -22.30
CA GLY B 395 0.25 -32.70 -22.94
C GLY B 395 1.51 -33.39 -22.50
N GLU B 396 2.25 -32.77 -21.58
CA GLU B 396 3.47 -33.37 -21.05
C GLU B 396 3.15 -34.51 -20.07
C1 F6F C . -9.92 11.17 4.09
C2 F6F C . -10.68 10.09 3.65
C3 F6F C . -12.06 10.22 3.54
C4 F6F C . -12.66 11.44 3.86
C5 F6F C . -11.91 12.49 4.30
C6 F6F C . -10.53 12.37 4.40
O7 F6F C . -8.46 11.07 4.21
C8 F6F C . -8.07 10.39 5.41
F9 F6F C . -8.33 9.10 5.20
F10 F6F C . -6.76 10.55 5.67
F11 F6F C . -8.83 10.81 6.47
C12 F6F C . -14.13 11.62 3.84
N13 F6F C . -15.00 10.53 3.58
O14 F6F C . -14.58 12.71 4.14
C15 F6F C . -16.42 10.74 3.64
C16 F6F C . -16.88 10.91 5.10
O17 F6F C . -16.67 9.74 5.90
P18 F6F C . -17.83 8.70 6.11
O19 F6F C . -17.40 7.69 7.15
O20 F6F C . -19.06 9.42 6.60
O21 F6F C . -18.16 8.04 4.78
NA NA D . 1.47 9.05 -11.32
C1 EDO E . 5.60 25.20 10.99
O1 EDO E . 5.04 26.17 10.09
C2 EDO E . 4.59 24.85 12.08
O2 EDO E . 5.23 24.04 13.09
C1 PEG F . -13.11 1.60 10.25
O1 PEG F . -11.96 0.99 9.99
C2 PEG F . -14.20 0.62 9.94
O2 PEG F . -15.43 1.32 9.89
C3 PEG F . -15.63 2.10 8.69
C4 PEG F . -15.45 1.20 7.48
O4 PEG F . -16.68 0.85 6.90
C1 PEG G . -22.89 27.43 19.22
O1 PEG G . -22.33 26.58 20.11
C2 PEG G . -22.51 27.03 17.82
O2 PEG G . -23.22 27.80 16.87
C3 PEG G . -22.79 27.60 15.51
C4 PEG G . -21.66 28.57 15.17
O4 PEG G . -20.56 27.86 14.66
O AQ3 H . 3.66 -9.63 0.99
C2 AQ3 H . 4.04 -9.10 -0.27
C3 AQ3 H . 3.81 -7.75 -0.62
C4 AQ3 H . 4.23 -7.25 -1.87
C5 AQ3 H . 4.89 -8.13 -2.76
C6 AQ3 H . 5.12 -9.45 -2.40
C1 AQ3 H . 4.70 -9.93 -1.14
N AQ3 H . 4.91 -11.33 -0.75
O3P AQ3 H . 11.25 -11.16 -2.18
P AQ3 H . 9.92 -10.48 -2.48
O1P AQ3 H . 9.52 -9.60 -1.29
O2P AQ3 H . 10.07 -9.60 -3.72
O4P AQ3 H . 8.76 -11.58 -2.71
C5A AQ3 H . 8.93 -12.44 -3.88
C51 AQ3 H . 9.02 -13.88 -3.41
C61 AQ3 H . 10.14 -14.61 -3.71
N1 AQ3 H . 10.27 -15.87 -3.34
C41 AQ3 H . 7.96 -14.46 -2.68
C31 AQ3 H . 8.13 -15.82 -2.30
O3 AQ3 H . 7.17 -16.56 -1.57
C21 AQ3 H . 9.32 -16.49 -2.64
C2A AQ3 H . 9.53 -17.97 -2.24
C4A AQ3 H . 6.70 -13.63 -2.36
N2 AQ3 H . 5.80 -14.39 -1.54
CA AQ3 H . 4.54 -13.75 -1.27
C AQ3 H . 4.04 -14.18 0.06
O1 AQ3 H . 3.07 -13.53 0.57
OXT AQ3 H . 4.55 -15.19 0.58
CB AQ3 H . 4.31 -12.30 -1.63
NA NA I . 6.27 -6.03 -8.37
NA NA J . 12.97 -9.36 -4.09
C1 EDO K . 28.17 -23.13 5.79
O1 EDO K . 26.79 -22.90 6.03
C2 EDO K . 28.47 -22.99 4.31
O2 EDO K . 29.85 -23.21 4.03
C1 EDO L . 16.45 12.14 -0.42
O1 EDO L . 15.56 12.51 -1.46
C2 EDO L . 17.07 10.79 -0.75
O2 EDO L . 18.05 10.47 0.24
C1 EDO M . 32.61 -25.06 -14.64
O1 EDO M . 33.49 -24.52 -15.64
C2 EDO M . 31.17 -25.02 -15.16
O2 EDO M . 30.84 -26.27 -15.78
C1 EDO N . 13.75 -7.38 -20.16
O1 EDO N . 14.31 -8.64 -19.76
C2 EDO N . 12.30 -7.50 -20.62
O2 EDO N . 11.83 -6.24 -21.13
C1 EDO O . 2.51 12.75 12.79
O1 EDO O . 3.64 11.96 13.18
C2 EDO O . 1.29 12.32 13.59
O2 EDO O . 0.12 12.27 12.76
C1 EDO P . 11.42 3.46 -19.18
O1 EDO P . 12.68 3.80 -19.75
C2 EDO P . 11.64 2.68 -17.88
O2 EDO P . 12.42 1.49 -18.14
C1 EDO Q . 8.12 8.94 -14.41
O1 EDO Q . 6.93 9.41 -15.05
C2 EDO Q . 8.47 7.51 -14.80
O2 EDO Q . 9.10 6.82 -13.70
C1 EDO R . 16.17 11.78 8.74
O1 EDO R . 17.31 12.18 9.50
C2 EDO R . 15.96 12.70 7.53
O2 EDO R . 16.95 12.45 6.51
C1 EDO S . -3.47 -8.93 -15.42
O1 EDO S . -3.72 -8.32 -16.69
C2 EDO S . -4.67 -8.90 -14.48
O2 EDO S . -4.42 -9.80 -13.40
C1 PGE T . 28.32 -15.35 7.60
O1 PGE T . 27.35 -14.35 7.48
C2 PGE T . 27.61 -16.60 8.02
O2 PGE T . 28.44 -17.69 7.73
C3 PGE T . 27.81 -18.63 6.89
C4 PGE T . 28.75 -19.81 6.78
O4 PGE T . 32.99 -19.11 6.71
C6 PGE T . 32.18 -19.43 5.58
C5 PGE T . 30.95 -20.21 6.02
O3 PGE T . 30.07 -19.31 6.66
C1 PGE U . 30.11 -26.70 -2.69
O1 PGE U . 31.13 -26.60 -1.71
C2 PGE U . 28.79 -26.16 -2.18
O2 PGE U . 27.72 -26.70 -2.96
C3 PGE U . 27.76 -28.08 -3.27
C4 PGE U . 26.35 -28.66 -3.24
O4 PGE U . 23.26 -29.70 -6.23
C6 PGE U . 24.59 -30.11 -5.89
C5 PGE U . 24.94 -30.23 -4.42
O3 PGE U . 26.26 -29.77 -4.14
#